data_8I6S
#
_entry.id   8I6S
#
_cell.length_a   1.00
_cell.length_b   1.00
_cell.length_c   1.00
_cell.angle_alpha   90.00
_cell.angle_beta   90.00
_cell.angle_gamma   90.00
#
_symmetry.space_group_name_H-M   'P 1'
#
loop_
_entity.id
_entity.type
_entity.pdbx_description
1 polymer 'Cell division protein FtsX'
2 polymer 'Cell division ATP-binding protein FtsE'
3 polymer 'Membrane-bound metallopeptidase'
4 non-polymer 'MAGNESIUM ION'
5 non-polymer "ADENOSINE-5'-TRIPHOSPHATE"
#
loop_
_entity_poly.entity_id
_entity_poly.type
_entity_poly.pdbx_seq_one_letter_code
_entity_poly.pdbx_strand_id
1 'polypeptide(L)'
;MSANDLPRGPEEGAPERKTREKPSQEQTDWSGSFSAYLESHRASLVDSLRRLFGHPFGSFFTCLVMGITLSLPMGLSLLL
NNVERLGGSWQRAAQISLFLDLKTSENQGQDLREQIERLPDVIEAQLISREQALSELQEQSGLGEALKELPENPLPPVIS
VTPKQIDRAGLEALRQQLAELPHVQQAQLDLVWVERLSAILKLGERFVFGLTILLVLTLLLVVGNTIRLHIENRRNEIEV
IKLVGGTDGYVRRPFLYMGALYGLGAGILSWALLAYSLNWLNGSVVNLSGLYGSDFGLQGVPLDDGLSLTVGAVLLGWVG
AWLAVARHLRELAPR
;
A,C
2 'polypeptide(L)'
;MIRFEQVGKRYPNGHVGLHEVSFRVHRGEILFVTGHSGAGKSTLLRLILAMERPTSGKLLLGGQDLGRITTAQIPFLRRQ
IGVVFQNHQLLTDRTVADNIALPLQILGMPKPEIAKRVASALERVNLKEKGEALPSDLSTGQQQRVGIARAIVHQPALLL
ADQPTGNLDPRLASEIMGVFEDINRLGTTVLIASHDLALIARMRHRMLTLQRGRIIADREDEA
;
B,D
3 'polypeptide(L)'
;DERADTQRQLEQTQKDIGELKKLLDGIQQEKSGVQKQLKSTETEMGDLEKQIKALQDELDKSEAELKRLDGEKKKLQDAR
IEQQRLLAIQARAAYQSGREEYLKLLLNQEHPEKFSRTLTYYDYINKARLEQLASFNETLRQLANVEQDISAQKAEQLSK
QGELDSRREALAATRKERQQALAKLNSDYRERDQKLKSRQQDQAELAKVLRTIEETLARQAREAAAAAERERQRALAAER
ERARQQQAAPGRVTSPPREPAPGPLVSSTGAVYGGAFGSARGKLPWPVNGRVVARFGSQRGDDPRAKWDGVLISASAGST
VRAVHGGRVVFADWLRGAGLLVILDHGGGYLSLYGHNQSLLKDAGDTVKAGDPIATVGTSGGQSSPAVYFAIRHQGRPAD
PTTWCRAQG
;
E
#
# COMPACT_ATOMS: atom_id res chain seq x y z
N SER A 35 -6.00 -37.31 11.92
CA SER A 35 -5.97 -36.37 13.03
C SER A 35 -4.65 -35.58 13.03
N ALA A 36 -4.03 -35.49 11.86
CA ALA A 36 -2.75 -34.78 11.74
C ALA A 36 -2.93 -33.29 11.46
N TYR A 37 -4.17 -32.82 11.31
CA TYR A 37 -4.39 -31.42 10.96
C TYR A 37 -4.19 -30.50 12.17
N LEU A 38 -4.46 -31.00 13.38
CA LEU A 38 -4.42 -30.14 14.56
C LEU A 38 -2.98 -29.85 14.99
N GLU A 39 -2.08 -30.82 14.84
CA GLU A 39 -0.68 -30.57 15.18
C GLU A 39 0.00 -29.74 14.10
N SER A 40 -0.47 -29.83 12.85
CA SER A 40 0.13 -29.04 11.78
C SER A 40 -0.25 -27.57 11.88
N HIS A 41 -1.49 -27.29 12.33
CA HIS A 41 -1.92 -25.92 12.49
C HIS A 41 -1.24 -25.25 13.68
N ARG A 42 -1.01 -26.02 14.75
CA ARG A 42 -0.37 -25.47 15.93
C ARG A 42 1.12 -25.24 15.70
N ALA A 43 1.74 -26.07 14.85
CA ALA A 43 3.15 -25.88 14.53
C ALA A 43 3.35 -24.69 13.61
N SER A 44 2.38 -24.41 12.74
CA SER A 44 2.50 -23.28 11.83
C SER A 44 2.28 -21.96 12.56
N LEU A 45 1.47 -21.98 13.62
CA LEU A 45 1.18 -20.75 14.36
C LEU A 45 2.36 -20.37 15.25
N VAL A 46 3.05 -21.36 15.81
CA VAL A 46 4.17 -21.06 16.70
C VAL A 46 5.41 -20.67 15.89
N ASP A 47 5.48 -21.10 14.63
CA ASP A 47 6.57 -20.65 13.76
C ASP A 47 6.32 -19.24 13.26
N SER A 48 5.05 -18.85 13.12
CA SER A 48 4.73 -17.50 12.65
C SER A 48 5.03 -16.46 13.72
N LEU A 49 4.78 -16.79 14.99
CA LEU A 49 5.13 -15.89 16.07
C LEU A 49 6.64 -15.84 16.29
N ARG A 50 7.32 -16.96 16.04
CA ARG A 50 8.78 -17.00 16.16
C ARG A 50 9.44 -16.21 15.03
N ARG A 51 8.85 -16.24 13.83
CA ARG A 51 9.36 -15.43 12.73
C ARG A 51 9.07 -13.96 12.96
N LEU A 52 7.97 -13.65 13.65
CA LEU A 52 7.63 -12.25 13.94
C LEU A 52 8.55 -11.67 15.00
N PHE A 53 9.03 -12.48 15.93
CA PHE A 53 10.02 -11.99 16.89
C PHE A 53 11.38 -11.82 16.24
N GLY A 54 11.65 -12.54 15.15
CA GLY A 54 12.85 -12.30 14.38
C GLY A 54 12.72 -10.99 13.62
N HIS A 55 13.59 -10.01 13.95
CA HIS A 55 13.56 -8.60 13.56
C HIS A 55 12.20 -7.99 13.86
N PRO A 56 11.89 -7.72 15.14
CA PRO A 56 10.53 -7.26 15.48
C PRO A 56 10.25 -5.81 15.11
N PHE A 57 11.28 -5.02 14.79
CA PHE A 57 11.04 -3.65 14.37
C PHE A 57 10.48 -3.60 12.96
N GLY A 58 10.83 -4.58 12.12
CA GLY A 58 10.32 -4.61 10.76
C GLY A 58 8.86 -5.02 10.70
N SER A 59 8.45 -5.98 11.53
CA SER A 59 7.08 -6.46 11.48
C SER A 59 6.11 -5.49 12.15
N PHE A 60 6.58 -4.76 13.17
CA PHE A 60 5.74 -3.75 13.80
C PHE A 60 5.60 -2.52 12.91
N PHE A 61 6.57 -2.31 12.01
CA PHE A 61 6.45 -1.27 11.00
C PHE A 61 5.34 -1.60 10.01
N THR A 62 5.20 -2.88 9.66
CA THR A 62 4.13 -3.29 8.74
C THR A 62 2.78 -3.31 9.44
N CYS A 63 2.77 -3.39 10.76
CA CYS A 63 1.50 -3.38 11.50
C CYS A 63 0.90 -1.98 11.52
N LEU A 64 1.75 -0.95 11.52
CA LEU A 64 1.24 0.43 11.58
C LEU A 64 0.68 0.87 10.24
N VAL A 65 1.28 0.41 9.14
CA VAL A 65 0.81 0.78 7.79
C VAL A 65 -0.55 0.14 7.52
N MET A 66 -0.75 -1.08 8.02
CA MET A 66 -1.99 -1.82 7.84
C MET A 66 -3.12 -1.22 8.70
N GLY A 67 -2.77 -0.41 9.69
CA GLY A 67 -3.78 0.10 10.61
C GLY A 67 -4.28 1.50 10.28
N ILE A 68 -3.37 2.41 9.91
CA ILE A 68 -3.74 3.83 9.78
C ILE A 68 -4.59 4.06 8.53
N THR A 69 -4.32 3.33 7.44
CA THR A 69 -5.13 3.46 6.23
C THR A 69 -6.49 2.79 6.42
N LEU A 70 -6.53 1.78 7.29
CA LEU A 70 -7.78 1.12 7.66
C LEU A 70 -8.72 2.03 8.45
N SER A 71 -8.19 3.06 9.10
CA SER A 71 -9.01 4.03 9.82
C SER A 71 -9.72 5.01 8.91
N LEU A 72 -9.39 5.05 7.61
CA LEU A 72 -10.08 5.97 6.70
C LEU A 72 -11.53 5.56 6.41
N PRO A 73 -11.84 4.36 5.87
CA PRO A 73 -13.26 4.13 5.54
C PRO A 73 -14.11 3.73 6.74
N MET A 74 -13.50 3.45 7.90
CA MET A 74 -14.28 3.20 9.10
C MET A 74 -14.43 4.46 9.93
N GLY A 75 -13.43 5.34 9.93
CA GLY A 75 -13.54 6.60 10.64
C GLY A 75 -14.52 7.56 10.00
N LEU A 76 -14.62 7.52 8.68
CA LEU A 76 -15.62 8.35 7.99
C LEU A 76 -16.98 7.67 8.02
N SER A 77 -17.02 6.38 8.36
CA SER A 77 -18.31 5.68 8.46
C SER A 77 -19.06 6.09 9.73
N LEU A 78 -18.33 6.27 10.84
CA LEU A 78 -18.98 6.69 12.07
C LEU A 78 -19.34 8.18 12.04
N LEU A 79 -18.63 8.96 11.22
CA LEU A 79 -18.92 10.39 11.11
C LEU A 79 -20.23 10.63 10.37
N LEU A 80 -20.56 9.76 9.41
CA LEU A 80 -21.89 9.81 8.81
C LEU A 80 -22.90 9.06 9.66
N ASN A 81 -22.44 8.27 10.63
CA ASN A 81 -23.31 7.64 11.60
C ASN A 81 -23.49 8.47 12.86
N ASN A 82 -22.96 9.70 12.89
CA ASN A 82 -23.07 10.56 14.05
C ASN A 82 -24.02 11.73 13.83
N VAL A 83 -24.00 12.35 12.64
CA VAL A 83 -24.67 13.62 12.43
C VAL A 83 -26.14 13.49 12.03
N GLU A 84 -26.71 12.28 12.02
CA GLU A 84 -28.12 12.14 11.72
C GLU A 84 -29.00 12.33 12.96
N ARG A 85 -28.41 12.45 14.15
CA ARG A 85 -29.20 12.69 15.35
C ARG A 85 -29.77 14.11 15.37
N LEU A 86 -29.03 15.09 14.85
CA LEU A 86 -29.52 16.44 14.70
C LEU A 86 -29.66 16.73 13.21
N GLY A 87 -30.88 16.96 12.77
CA GLY A 87 -31.15 17.26 11.38
C GLY A 87 -32.05 18.47 11.19
N GLY A 88 -32.77 18.84 12.25
CA GLY A 88 -33.69 19.97 12.16
C GLY A 88 -32.98 21.31 12.03
N SER A 89 -31.87 21.48 12.76
CA SER A 89 -31.14 22.74 12.75
C SER A 89 -29.91 22.73 11.84
N TRP A 90 -29.63 21.61 11.17
CA TRP A 90 -28.46 21.52 10.31
C TRP A 90 -28.82 20.80 9.02
N GLN A 91 -28.53 21.44 7.88
CA GLN A 91 -28.64 20.92 6.52
C GLN A 91 -30.06 20.58 6.07
N ARG A 92 -31.09 21.01 6.83
CA ARG A 92 -32.48 20.76 6.46
C ARG A 92 -33.34 21.80 7.16
N ALA A 93 -33.83 22.79 6.40
CA ALA A 93 -34.79 23.76 6.92
C ALA A 93 -35.81 24.13 5.86
N ALA A 94 -36.36 23.14 5.16
CA ALA A 94 -37.32 23.41 4.10
C ALA A 94 -38.66 23.84 4.70
N GLN A 95 -39.19 24.97 4.20
CA GLN A 95 -40.40 25.56 4.77
C GLN A 95 -41.27 26.11 3.66
N ILE A 96 -42.56 25.80 3.71
CA ILE A 96 -43.53 26.28 2.72
C ILE A 96 -44.60 27.07 3.46
N SER A 97 -44.94 28.25 2.91
CA SER A 97 -45.87 29.18 3.56
C SER A 97 -47.29 28.96 3.03
N LEU A 98 -47.85 27.81 3.40
CA LEU A 98 -49.24 27.51 3.09
C LEU A 98 -50.15 28.18 4.12
N PHE A 99 -51.05 29.03 3.67
CA PHE A 99 -51.87 29.84 4.55
C PHE A 99 -53.34 29.47 4.45
N LEU A 100 -54.07 29.70 5.54
CA LEU A 100 -55.49 29.43 5.66
C LEU A 100 -56.33 30.65 5.34
N ASP A 101 -57.65 30.45 5.37
CA ASP A 101 -58.62 31.53 5.32
C ASP A 101 -58.76 32.18 6.70
N LEU A 102 -59.56 33.26 6.74
CA LEU A 102 -59.73 34.04 7.98
C LEU A 102 -60.50 33.25 9.03
N LYS A 103 -61.47 32.44 8.62
CA LYS A 103 -62.17 31.56 9.53
C LYS A 103 -61.39 30.25 9.64
N THR A 104 -60.84 29.99 10.83
CA THR A 104 -60.03 28.80 11.07
C THR A 104 -60.30 28.30 12.47
N SER A 105 -60.59 27.00 12.58
CA SER A 105 -60.72 26.33 13.87
C SER A 105 -59.49 25.46 14.11
N GLU A 106 -59.13 25.29 15.38
CA GLU A 106 -57.88 24.62 15.71
C GLU A 106 -57.95 23.11 15.56
N ASN A 107 -59.16 22.54 15.55
CA ASN A 107 -59.28 21.10 15.36
C ASN A 107 -59.07 20.73 13.89
N GLN A 108 -59.32 21.67 12.98
CA GLN A 108 -59.08 21.41 11.56
C GLN A 108 -57.58 21.46 11.26
N GLY A 109 -56.83 22.26 12.02
CA GLY A 109 -55.39 22.34 11.83
C GLY A 109 -54.67 21.06 12.22
N GLN A 110 -55.06 20.48 13.35
CA GLN A 110 -54.45 19.22 13.78
C GLN A 110 -54.96 18.04 12.96
N ASP A 111 -56.10 18.20 12.28
CA ASP A 111 -56.55 17.21 11.31
C ASP A 111 -55.64 17.19 10.10
N LEU A 112 -55.22 18.39 9.64
CA LEU A 112 -54.36 18.46 8.46
C LEU A 112 -52.92 18.10 8.78
N ARG A 113 -52.52 18.17 10.06
CA ARG A 113 -51.15 17.84 10.47
C ARG A 113 -50.87 16.36 10.27
N GLU A 114 -51.83 15.50 10.59
CA GLU A 114 -51.65 14.07 10.32
C GLU A 114 -51.94 13.75 8.85
N GLN A 115 -52.61 14.66 8.14
CA GLN A 115 -52.87 14.45 6.72
C GLN A 115 -51.61 14.65 5.89
N ILE A 116 -50.79 15.64 6.25
CA ILE A 116 -49.54 15.86 5.51
C ILE A 116 -48.47 14.87 5.98
N GLU A 117 -48.65 14.25 7.14
CA GLU A 117 -47.73 13.20 7.58
C GLU A 117 -47.90 11.91 6.79
N ARG A 118 -49.02 11.76 6.06
CA ARG A 118 -49.20 10.62 5.17
C ARG A 118 -48.29 10.70 3.96
N LEU A 119 -47.83 11.90 3.60
CA LEU A 119 -46.83 12.06 2.56
C LEU A 119 -45.50 11.49 3.04
N PRO A 120 -44.79 10.70 2.22
CA PRO A 120 -43.53 10.09 2.69
C PRO A 120 -42.39 11.07 2.88
N ASP A 121 -42.44 12.26 2.30
CA ASP A 121 -41.37 13.24 2.47
C ASP A 121 -41.93 14.48 3.17
N VAL A 122 -42.02 14.39 4.51
CA VAL A 122 -42.24 15.53 5.40
C VAL A 122 -41.41 15.29 6.66
N ILE A 123 -41.26 16.33 7.47
CA ILE A 123 -40.57 16.24 8.75
C ILE A 123 -41.47 16.68 9.90
N GLU A 124 -41.93 17.92 9.89
CA GLU A 124 -42.71 18.50 10.97
C GLU A 124 -44.08 18.92 10.50
N ALA A 125 -45.03 18.95 11.43
CA ALA A 125 -46.41 19.35 11.15
C ALA A 125 -46.98 19.94 12.43
N GLN A 126 -46.97 21.28 12.52
CA GLN A 126 -47.49 21.98 13.69
C GLN A 126 -48.44 23.09 13.25
N LEU A 127 -49.27 23.52 14.18
CA LEU A 127 -50.30 24.53 13.92
C LEU A 127 -50.07 25.74 14.81
N ILE A 128 -50.11 26.92 14.20
CA ILE A 128 -49.95 28.17 14.92
C ILE A 128 -51.34 28.82 15.00
N SER A 129 -51.58 29.61 16.04
CA SER A 129 -52.90 30.16 16.31
C SER A 129 -52.94 31.64 15.93
N ARG A 130 -54.09 32.26 16.21
CA ARG A 130 -54.28 33.66 15.80
C ARG A 130 -53.51 34.63 16.68
N GLU A 131 -53.50 34.37 18.00
CA GLU A 131 -53.03 35.37 18.96
C GLU A 131 -51.51 35.44 18.99
N GLN A 132 -50.84 34.30 19.10
CA GLN A 132 -49.39 34.32 19.24
C GLN A 132 -48.68 34.52 17.90
N ALA A 133 -49.39 34.33 16.77
CA ALA A 133 -48.82 34.76 15.49
C ALA A 133 -48.84 36.28 15.39
N LEU A 134 -49.83 36.93 16.00
CA LEU A 134 -49.84 38.38 16.09
C LEU A 134 -48.73 38.89 17.01
N SER A 135 -48.38 38.09 18.01
CA SER A 135 -47.34 38.51 18.96
C SER A 135 -45.95 38.45 18.33
N GLU A 136 -45.69 37.43 17.50
CA GLU A 136 -44.35 37.24 16.96
C GLU A 136 -44.03 38.24 15.85
N LEU A 137 -45.06 38.73 15.15
CA LEU A 137 -44.81 39.78 14.17
C LEU A 137 -44.57 41.12 14.83
N GLN A 138 -45.14 41.33 16.02
CA GLN A 138 -44.99 42.60 16.72
C GLN A 138 -43.59 42.74 17.32
N GLU A 139 -43.05 41.65 17.89
CA GLU A 139 -41.71 41.71 18.45
C GLU A 139 -40.64 41.69 17.36
N GLN A 140 -40.96 41.14 16.19
CA GLN A 140 -40.03 41.19 15.07
C GLN A 140 -39.87 42.60 14.53
N SER A 141 -40.98 43.32 14.34
CA SER A 141 -40.91 44.72 13.98
C SER A 141 -40.47 45.59 15.14
N GLY A 142 -40.73 45.15 16.38
CA GLY A 142 -40.40 45.93 17.55
C GLY A 142 -41.35 47.05 17.87
N LEU A 143 -42.51 47.09 17.22
CA LEU A 143 -43.48 48.16 17.43
C LEU A 143 -44.54 47.78 18.45
N GLY A 144 -45.28 46.70 18.19
CA GLY A 144 -46.35 46.30 19.06
C GLY A 144 -47.65 47.06 18.87
N GLU A 145 -47.82 47.71 17.73
CA GLU A 145 -49.01 48.51 17.43
C GLU A 145 -49.64 48.04 16.12
N ALA A 146 -49.82 46.73 15.99
CA ALA A 146 -50.38 46.17 14.77
C ALA A 146 -51.87 46.43 14.67
N LEU A 147 -52.62 46.21 15.76
CA LEU A 147 -54.07 46.32 15.75
C LEU A 147 -54.59 47.34 16.77
N LYS A 148 -53.84 48.42 16.99
CA LYS A 148 -54.41 49.53 17.75
C LYS A 148 -55.25 50.44 16.87
N GLU A 149 -55.14 50.31 15.55
CA GLU A 149 -55.84 51.16 14.60
C GLU A 149 -57.12 50.52 14.09
N LEU A 150 -57.02 49.32 13.53
CA LEU A 150 -58.20 48.63 12.98
C LEU A 150 -58.94 47.92 14.11
N PRO A 151 -60.23 48.15 14.30
CA PRO A 151 -60.95 47.53 15.43
C PRO A 151 -61.14 46.03 15.32
N GLU A 152 -61.17 45.47 14.12
CA GLU A 152 -61.37 44.04 13.92
C GLU A 152 -60.07 43.37 13.48
N ASN A 153 -60.00 42.06 13.69
CA ASN A 153 -58.77 41.31 13.42
C ASN A 153 -58.83 40.69 12.04
N PRO A 154 -57.95 41.07 11.11
CA PRO A 154 -57.99 40.50 9.76
C PRO A 154 -57.03 39.35 9.51
N LEU A 155 -56.16 39.06 10.47
CA LEU A 155 -55.08 38.09 10.24
C LEU A 155 -55.62 36.67 10.33
N PRO A 156 -55.43 35.84 9.31
CA PRO A 156 -55.92 34.46 9.35
C PRO A 156 -55.04 33.61 10.25
N PRO A 157 -55.64 32.74 11.06
CA PRO A 157 -54.84 31.71 11.74
C PRO A 157 -54.42 30.64 10.75
N VAL A 158 -53.11 30.50 10.56
CA VAL A 158 -52.55 29.69 9.49
C VAL A 158 -51.87 28.45 10.08
N ILE A 159 -51.30 27.63 9.20
CA ILE A 159 -50.66 26.40 9.61
C ILE A 159 -49.19 26.43 9.17
N SER A 160 -48.39 25.60 9.81
CA SER A 160 -46.96 25.46 9.52
C SER A 160 -46.70 24.09 8.95
N VAL A 161 -46.29 24.04 7.69
CA VAL A 161 -45.86 22.80 7.04
C VAL A 161 -44.36 22.92 6.80
N THR A 162 -43.58 22.08 7.49
CA THR A 162 -42.12 22.19 7.50
C THR A 162 -41.57 20.82 7.10
N PRO A 163 -41.47 20.54 5.78
CA PRO A 163 -40.93 19.24 5.32
C PRO A 163 -39.43 19.26 5.10
N LYS A 164 -38.67 19.26 6.20
CA LYS A 164 -37.21 19.25 6.12
C LYS A 164 -36.63 17.90 5.69
N GLN A 165 -37.41 16.82 5.75
CA GLN A 165 -36.92 15.50 5.41
C GLN A 165 -37.10 15.14 3.95
N ILE A 166 -37.34 16.14 3.08
CA ILE A 166 -37.47 15.87 1.65
C ILE A 166 -36.08 15.64 1.05
N ASP A 167 -36.07 14.99 -0.12
CA ASP A 167 -34.88 14.98 -0.95
C ASP A 167 -34.78 16.25 -1.79
N ARG A 168 -35.87 17.00 -1.90
CA ARG A 168 -36.03 18.32 -2.51
C ARG A 168 -35.78 18.36 -4.02
N ALA A 169 -35.59 17.21 -4.68
CA ALA A 169 -35.18 17.19 -6.09
C ALA A 169 -36.32 17.54 -7.05
N GLY A 170 -37.57 17.55 -6.57
CA GLY A 170 -38.68 17.89 -7.44
C GLY A 170 -38.89 19.37 -7.66
N LEU A 171 -38.09 20.20 -6.98
CA LEU A 171 -38.02 21.68 -7.11
C LEU A 171 -39.37 22.28 -6.73
N GLU A 172 -39.82 23.28 -7.50
CA GLU A 172 -41.09 23.94 -7.21
C GLU A 172 -42.28 23.16 -7.76
N ALA A 173 -42.02 22.09 -8.53
CA ALA A 173 -43.10 21.19 -8.91
C ALA A 173 -43.60 20.38 -7.71
N LEU A 174 -42.72 20.13 -6.73
CA LEU A 174 -43.17 19.60 -5.46
C LEU A 174 -43.95 20.64 -4.68
N ARG A 175 -43.60 21.92 -4.83
CA ARG A 175 -44.35 23.00 -4.18
C ARG A 175 -45.73 23.16 -4.80
N GLN A 176 -45.84 22.94 -6.12
CA GLN A 176 -47.13 23.03 -6.78
C GLN A 176 -48.03 21.86 -6.41
N GLN A 177 -47.44 20.68 -6.20
CA GLN A 177 -48.22 19.51 -5.81
C GLN A 177 -48.70 19.62 -4.36
N LEU A 178 -47.93 20.28 -3.51
CA LEU A 178 -48.35 20.53 -2.14
C LEU A 178 -49.10 21.84 -1.96
N ALA A 179 -49.31 22.59 -3.04
CA ALA A 179 -50.22 23.72 -2.99
C ALA A 179 -51.63 23.36 -3.43
N GLU A 180 -51.87 22.09 -3.78
CA GLU A 180 -53.20 21.65 -4.22
C GLU A 180 -54.11 21.43 -3.03
N LEU A 181 -54.63 22.52 -2.46
CA LEU A 181 -55.58 22.47 -1.36
C LEU A 181 -56.78 23.32 -1.75
N PRO A 182 -58.00 22.90 -1.41
CA PRO A 182 -59.18 23.72 -1.78
C PRO A 182 -59.32 24.99 -0.96
N HIS A 183 -58.73 25.03 0.24
CA HIS A 183 -58.86 26.14 1.16
C HIS A 183 -57.62 27.01 1.25
N VAL A 184 -56.58 26.73 0.47
CA VAL A 184 -55.40 27.57 0.47
C VAL A 184 -55.64 28.74 -0.49
N GLN A 185 -54.97 29.87 -0.23
CA GLN A 185 -55.13 31.07 -1.04
C GLN A 185 -53.85 31.42 -1.78
N GLN A 186 -52.75 31.57 -1.04
CA GLN A 186 -51.52 32.11 -1.61
C GLN A 186 -50.32 31.59 -0.84
N ALA A 187 -49.35 31.04 -1.57
CA ALA A 187 -48.14 30.45 -1.00
C ALA A 187 -46.95 30.86 -1.84
N GLN A 188 -45.91 31.37 -1.20
CA GLN A 188 -44.74 31.91 -1.90
C GLN A 188 -43.48 31.18 -1.47
N LEU A 189 -42.49 31.21 -2.37
CA LEU A 189 -41.21 30.56 -2.14
C LEU A 189 -40.14 31.39 -2.85
N ASP A 190 -39.50 32.29 -2.10
CA ASP A 190 -38.54 33.22 -2.68
C ASP A 190 -37.23 32.51 -2.98
N LEU A 191 -36.60 32.89 -4.10
CA LEU A 191 -35.39 32.32 -4.69
C LEU A 191 -35.56 30.82 -5.00
N VAL A 192 -36.81 30.38 -5.25
CA VAL A 192 -37.28 29.07 -5.71
C VAL A 192 -36.92 27.93 -4.74
N TRP A 193 -35.64 27.81 -4.29
CA TRP A 193 -35.18 27.50 -2.88
C TRP A 193 -35.44 26.06 -2.42
N VAL A 194 -36.20 25.29 -3.20
CA VAL A 194 -36.22 23.85 -3.06
C VAL A 194 -35.31 23.23 -4.13
N GLU A 195 -35.28 23.83 -5.32
CA GLU A 195 -34.25 23.51 -6.31
C GLU A 195 -32.87 23.93 -5.82
N ARG A 196 -32.80 25.02 -5.05
CA ARG A 196 -31.56 25.35 -4.35
C ARG A 196 -31.29 24.35 -3.23
N LEU A 197 -32.34 23.89 -2.56
CA LEU A 197 -32.17 22.83 -1.57
C LEU A 197 -31.89 21.49 -2.24
N SER A 198 -32.35 21.32 -3.48
CA SER A 198 -31.93 20.18 -4.28
C SER A 198 -30.45 20.25 -4.61
N ALA A 199 -29.96 21.44 -4.95
CA ALA A 199 -28.57 21.60 -5.38
C ALA A 199 -27.61 21.46 -4.22
N ILE A 200 -28.06 21.77 -3.00
CA ILE A 200 -27.27 21.48 -1.81
C ILE A 200 -27.24 19.97 -1.55
N LEU A 201 -28.39 19.31 -1.68
CA LEU A 201 -28.49 17.90 -1.34
C LEU A 201 -27.90 17.01 -2.43
N LYS A 202 -27.93 17.47 -3.69
CA LYS A 202 -27.27 16.73 -4.76
C LYS A 202 -25.76 16.83 -4.63
N LEU A 203 -25.27 18.00 -4.23
CA LEU A 203 -23.84 18.16 -3.94
C LEU A 203 -23.46 17.43 -2.66
N GLY A 204 -24.43 17.27 -1.74
CA GLY A 204 -24.15 16.54 -0.51
C GLY A 204 -23.98 15.05 -0.73
N GLU A 205 -24.85 14.46 -1.55
CA GLU A 205 -24.81 13.01 -1.75
C GLU A 205 -23.67 12.60 -2.69
N ARG A 206 -23.40 13.42 -3.70
CA ARG A 206 -22.38 13.04 -4.68
C ARG A 206 -20.98 13.23 -4.13
N PHE A 207 -20.81 14.13 -3.16
CA PHE A 207 -19.51 14.26 -2.51
C PHE A 207 -19.27 13.12 -1.54
N VAL A 208 -20.33 12.61 -0.91
CA VAL A 208 -20.20 11.47 -0.02
C VAL A 208 -19.90 10.21 -0.81
N PHE A 209 -20.63 10.00 -1.92
CA PHE A 209 -20.41 8.82 -2.75
C PHE A 209 -19.11 8.95 -3.56
N GLY A 210 -18.68 10.19 -3.81
CA GLY A 210 -17.37 10.40 -4.42
C GLY A 210 -16.23 10.02 -3.48
N LEU A 211 -16.41 10.30 -2.19
CA LEU A 211 -15.35 10.00 -1.22
C LEU A 211 -15.60 8.67 -0.51
N THR A 212 -16.57 7.89 -0.98
CA THR A 212 -16.74 6.53 -0.46
C THR A 212 -16.01 5.52 -1.34
N ILE A 213 -16.19 5.63 -2.65
CA ILE A 213 -15.66 4.64 -3.59
C ILE A 213 -14.15 4.81 -3.73
N LEU A 214 -13.67 6.05 -3.59
CA LEU A 214 -12.24 6.34 -3.78
C LEU A 214 -11.40 5.77 -2.64
N LEU A 215 -11.90 5.84 -1.41
CA LEU A 215 -11.11 5.38 -0.26
C LEU A 215 -11.11 3.86 -0.15
N VAL A 216 -12.18 3.19 -0.60
CA VAL A 216 -12.21 1.73 -0.47
C VAL A 216 -11.37 1.08 -1.55
N LEU A 217 -11.17 1.78 -2.68
CA LEU A 217 -10.19 1.30 -3.66
C LEU A 217 -8.78 1.70 -3.25
N THR A 218 -8.65 2.68 -2.36
CA THR A 218 -7.36 2.93 -1.72
C THR A 218 -7.07 1.85 -0.69
N LEU A 219 -8.11 1.40 0.02
CA LEU A 219 -7.92 0.39 1.07
C LEU A 219 -7.65 -0.99 0.47
N LEU A 220 -8.42 -1.39 -0.55
CA LEU A 220 -8.34 -2.76 -1.04
C LEU A 220 -7.12 -2.99 -1.93
N LEU A 221 -6.44 -1.92 -2.35
CA LEU A 221 -5.25 -2.09 -3.17
C LEU A 221 -3.98 -2.00 -2.33
N VAL A 222 -4.00 -1.23 -1.24
CA VAL A 222 -2.83 -1.15 -0.36
C VAL A 222 -2.64 -2.48 0.38
N VAL A 223 -3.74 -3.08 0.83
CA VAL A 223 -3.67 -4.39 1.51
C VAL A 223 -3.30 -5.48 0.51
N GLY A 224 -3.89 -5.42 -0.69
CA GLY A 224 -3.66 -6.48 -1.66
C GLY A 224 -2.27 -6.46 -2.27
N ASN A 225 -1.66 -5.28 -2.33
CA ASN A 225 -0.28 -5.20 -2.82
C ASN A 225 0.69 -5.66 -1.75
N THR A 226 0.46 -5.27 -0.49
CA THR A 226 1.45 -5.47 0.56
C THR A 226 1.49 -6.93 1.01
N ILE A 227 0.32 -7.58 1.05
CA ILE A 227 0.24 -8.99 1.45
C ILE A 227 0.88 -9.89 0.39
N ARG A 228 0.68 -9.55 -0.88
CA ARG A 228 1.24 -10.32 -1.99
C ARG A 228 2.75 -10.16 -2.07
N LEU A 229 3.28 -9.06 -1.56
CA LEU A 229 4.69 -8.75 -1.79
C LEU A 229 5.55 -9.08 -0.57
N HIS A 230 4.93 -9.50 0.55
CA HIS A 230 5.68 -10.26 1.55
C HIS A 230 6.01 -11.66 1.04
N ILE A 231 5.06 -12.32 0.37
CA ILE A 231 5.21 -13.73 0.05
C ILE A 231 6.02 -13.93 -1.23
N GLU A 232 6.33 -12.85 -1.97
CA GLU A 232 7.27 -13.01 -3.06
C GLU A 232 8.69 -13.16 -2.52
N ASN A 233 8.96 -12.61 -1.34
CA ASN A 233 10.17 -12.97 -0.60
C ASN A 233 10.08 -14.40 -0.09
N ARG A 234 11.26 -15.00 0.14
CA ARG A 234 11.45 -16.38 0.61
C ARG A 234 10.75 -17.39 -0.31
N ARG A 235 10.95 -17.18 -1.61
CA ARG A 235 10.39 -18.01 -2.66
C ARG A 235 11.07 -19.37 -2.74
N ASN A 236 12.27 -19.51 -2.17
CA ASN A 236 12.97 -20.79 -2.19
C ASN A 236 12.35 -21.79 -1.23
N GLU A 237 11.65 -21.32 -0.20
CA GLU A 237 11.09 -22.21 0.82
C GLU A 237 9.91 -23.01 0.26
N ILE A 238 9.14 -22.40 -0.65
CA ILE A 238 7.98 -23.07 -1.24
C ILE A 238 8.44 -24.18 -2.19
N GLU A 239 9.49 -23.93 -2.97
CA GLU A 239 9.92 -24.91 -3.96
C GLU A 239 10.70 -26.07 -3.33
N VAL A 240 11.19 -25.91 -2.10
CA VAL A 240 11.86 -27.02 -1.41
C VAL A 240 10.85 -28.12 -1.07
N ILE A 241 9.71 -27.75 -0.49
CA ILE A 241 8.73 -28.73 -0.10
C ILE A 241 7.93 -29.21 -1.31
N LYS A 242 7.97 -28.45 -2.41
CA LYS A 242 7.21 -28.81 -3.60
C LYS A 242 7.85 -29.98 -4.35
N LEU A 243 9.18 -29.98 -4.47
CA LEU A 243 9.84 -31.05 -5.22
C LEU A 243 9.89 -32.36 -4.44
N VAL A 244 9.87 -32.29 -3.10
CA VAL A 244 9.80 -33.51 -2.30
C VAL A 244 8.37 -33.96 -2.02
N GLY A 245 7.38 -33.27 -2.57
CA GLY A 245 6.00 -33.65 -2.37
C GLY A 245 5.14 -32.49 -1.92
N GLY A 246 4.55 -32.60 -0.73
CA GLY A 246 3.74 -31.53 -0.19
C GLY A 246 2.37 -31.44 -0.82
N THR A 247 1.65 -30.41 -0.40
CA THR A 247 0.30 -30.14 -0.89
C THR A 247 0.01 -28.65 -0.75
N ASP A 248 -1.15 -28.24 -1.27
CA ASP A 248 -1.55 -26.85 -1.17
C ASP A 248 -1.96 -26.46 0.25
N GLY A 249 -2.43 -27.45 1.03
CA GLY A 249 -2.87 -27.15 2.39
C GLY A 249 -1.73 -26.92 3.36
N TYR A 250 -0.61 -27.62 3.17
CA TYR A 250 0.52 -27.45 4.08
C TYR A 250 1.25 -26.14 3.81
N VAL A 251 1.42 -25.79 2.52
CA VAL A 251 2.18 -24.60 2.17
C VAL A 251 1.37 -23.32 2.43
N ARG A 252 0.03 -23.42 2.50
CA ARG A 252 -0.78 -22.25 2.84
C ARG A 252 -0.76 -21.96 4.33
N ARG A 253 -0.48 -22.96 5.16
CA ARG A 253 -0.66 -22.86 6.60
C ARG A 253 0.24 -21.85 7.33
N PRO A 254 1.61 -21.74 7.06
CA PRO A 254 2.36 -20.69 7.77
C PRO A 254 2.07 -19.28 7.30
N PHE A 255 1.47 -19.14 6.11
CA PHE A 255 1.31 -17.81 5.53
C PHE A 255 -0.13 -17.31 5.68
N LEU A 256 -1.08 -18.23 5.88
CA LEU A 256 -2.44 -17.82 6.24
C LEU A 256 -2.46 -17.19 7.63
N TYR A 257 -1.69 -17.78 8.56
CA TYR A 257 -1.64 -17.25 9.92
C TYR A 257 -0.80 -15.98 9.98
N MET A 258 0.15 -15.83 9.05
CA MET A 258 0.98 -14.63 9.03
C MET A 258 0.20 -13.43 8.51
N GLY A 259 -0.58 -13.63 7.44
CA GLY A 259 -1.33 -12.52 6.87
C GLY A 259 -2.55 -12.14 7.67
N ALA A 260 -3.10 -13.08 8.43
CA ALA A 260 -4.28 -12.78 9.24
C ALA A 260 -3.91 -12.06 10.52
N LEU A 261 -2.69 -12.27 11.01
CA LEU A 261 -2.29 -11.67 12.29
C LEU A 261 -1.96 -10.19 12.10
N TYR A 262 -1.58 -9.78 10.89
CA TYR A 262 -1.42 -8.37 10.60
C TYR A 262 -2.78 -7.66 10.58
N GLY A 263 -3.82 -8.37 10.15
CA GLY A 263 -5.17 -7.85 10.32
C GLY A 263 -5.60 -7.78 11.76
N LEU A 264 -5.15 -8.74 12.58
CA LEU A 264 -5.36 -8.68 14.02
C LEU A 264 -4.55 -7.55 14.64
N GLY A 265 -3.35 -7.30 14.11
CA GLY A 265 -2.56 -6.17 14.58
C GLY A 265 -3.15 -4.84 14.14
N ALA A 266 -3.80 -4.82 12.98
CA ALA A 266 -4.41 -3.58 12.51
C ALA A 266 -5.69 -3.25 13.26
N GLY A 267 -6.46 -4.29 13.63
CA GLY A 267 -7.77 -4.06 14.23
C GLY A 267 -7.71 -3.55 15.65
N ILE A 268 -6.56 -3.71 16.30
CA ILE A 268 -6.36 -3.12 17.63
C ILE A 268 -5.88 -1.68 17.49
N LEU A 269 -4.93 -1.45 16.57
CA LEU A 269 -4.32 -0.12 16.44
C LEU A 269 -5.27 0.87 15.75
N SER A 270 -6.12 0.39 14.84
CA SER A 270 -7.12 1.27 14.25
C SER A 270 -8.24 1.56 15.24
N TRP A 271 -8.47 0.64 16.18
CA TRP A 271 -9.39 0.89 17.28
C TRP A 271 -8.81 1.92 18.26
N ALA A 272 -7.49 1.93 18.40
CA ALA A 272 -6.84 2.84 19.34
C ALA A 272 -6.83 4.27 18.81
N LEU A 273 -6.52 4.45 17.53
CA LEU A 273 -6.41 5.79 16.96
C LEU A 273 -7.78 6.40 16.71
N LEU A 274 -8.82 5.57 16.56
CA LEU A 274 -10.17 6.10 16.41
C LEU A 274 -10.70 6.62 17.74
N ALA A 275 -10.24 6.03 18.85
CA ALA A 275 -10.58 6.55 20.16
C ALA A 275 -9.86 7.87 20.44
N TYR A 276 -8.63 7.99 19.93
CA TYR A 276 -7.85 9.20 20.17
C TYR A 276 -8.36 10.38 19.35
N SER A 277 -8.77 10.12 18.10
CA SER A 277 -9.20 11.21 17.22
C SER A 277 -10.59 11.71 17.58
N LEU A 278 -11.46 10.83 18.07
CA LEU A 278 -12.81 11.23 18.41
C LEU A 278 -12.85 12.05 19.69
N ASN A 279 -11.98 11.74 20.66
CA ASN A 279 -11.92 12.53 21.88
C ASN A 279 -11.18 13.84 21.66
N TRP A 280 -10.28 13.88 20.67
CA TRP A 280 -9.62 15.12 20.32
C TRP A 280 -10.58 16.08 19.63
N LEU A 281 -11.49 15.55 18.82
CA LEU A 281 -12.53 16.38 18.21
C LEU A 281 -13.60 16.74 19.23
N ASN A 282 -13.70 15.98 20.32
CA ASN A 282 -14.70 16.25 21.37
C ASN A 282 -14.39 17.51 22.16
N GLY A 283 -13.15 17.99 22.11
CA GLY A 283 -12.79 19.23 22.79
C GLY A 283 -13.31 20.49 22.12
N SER A 284 -13.83 20.40 20.90
CA SER A 284 -14.37 21.55 20.19
C SER A 284 -15.84 21.45 19.85
N VAL A 285 -16.47 20.27 20.01
CA VAL A 285 -17.89 20.15 19.72
C VAL A 285 -18.71 20.65 20.91
N VAL A 286 -18.09 20.73 22.09
CA VAL A 286 -18.82 21.20 23.28
C VAL A 286 -18.93 22.72 23.28
N ASN A 287 -18.14 23.40 22.45
CA ASN A 287 -18.32 24.84 22.27
C ASN A 287 -19.59 25.11 21.48
N LEU A 288 -19.86 24.29 20.46
CA LEU A 288 -21.07 24.47 19.66
C LEU A 288 -22.30 23.95 20.39
N SER A 289 -22.14 22.88 21.20
CA SER A 289 -23.28 22.26 21.85
C SER A 289 -23.81 23.11 23.00
N GLY A 290 -22.92 23.75 23.76
CA GLY A 290 -23.38 24.59 24.85
C GLY A 290 -23.90 25.94 24.41
N LEU A 291 -23.39 26.47 23.30
CA LEU A 291 -23.83 27.77 22.81
C LEU A 291 -25.20 27.67 22.16
N TYR A 292 -25.41 26.61 21.37
CA TYR A 292 -26.74 26.32 20.81
C TYR A 292 -27.73 25.98 21.91
N GLY A 293 -27.32 25.13 22.84
CA GLY A 293 -28.15 24.70 23.94
C GLY A 293 -28.72 23.32 23.64
N SER A 294 -28.04 22.30 24.15
CA SER A 294 -28.30 20.89 23.88
C SER A 294 -27.34 20.08 24.75
N ASP A 295 -27.56 18.78 24.78
CA ASP A 295 -26.61 17.82 25.36
C ASP A 295 -26.26 16.85 24.26
N PHE A 296 -25.27 17.21 23.45
CA PHE A 296 -24.85 16.42 22.29
C PHE A 296 -23.45 15.90 22.53
N GLY A 297 -23.34 14.62 22.85
CA GLY A 297 -22.06 13.95 23.01
C GLY A 297 -21.84 13.02 21.82
N LEU A 298 -20.57 12.78 21.51
CA LEU A 298 -20.19 11.92 20.38
C LEU A 298 -19.75 10.58 20.94
N GLN A 299 -20.36 9.51 20.46
CA GLN A 299 -20.01 8.17 20.91
C GLN A 299 -18.66 7.76 20.31
N GLY A 300 -17.82 7.16 21.13
CA GLY A 300 -16.48 6.77 20.73
C GLY A 300 -16.21 5.31 21.03
N VAL A 301 -15.60 4.62 20.06
CA VAL A 301 -15.25 3.19 19.97
C VAL A 301 -16.28 2.24 20.61
N PRO A 302 -17.45 2.03 19.98
CA PRO A 302 -18.39 1.03 20.51
C PRO A 302 -17.86 -0.38 20.35
N LEU A 303 -18.23 -1.25 21.31
CA LEU A 303 -17.65 -2.58 21.37
C LEU A 303 -18.21 -3.49 20.29
N ASP A 304 -19.42 -3.21 19.80
CA ASP A 304 -19.98 -3.99 18.70
C ASP A 304 -19.27 -3.68 17.39
N ASP A 305 -19.03 -2.38 17.13
CA ASP A 305 -18.30 -2.00 15.92
C ASP A 305 -16.81 -2.23 16.07
N GLY A 306 -16.29 -2.16 17.31
CA GLY A 306 -14.88 -2.40 17.53
C GLY A 306 -14.48 -3.84 17.33
N LEU A 307 -15.40 -4.77 17.65
CA LEU A 307 -15.16 -6.18 17.36
C LEU A 307 -15.28 -6.45 15.87
N SER A 308 -16.20 -5.75 15.19
CA SER A 308 -16.39 -5.97 13.75
C SER A 308 -15.29 -5.31 12.94
N LEU A 309 -14.61 -4.32 13.52
CA LEU A 309 -13.49 -3.68 12.83
C LEU A 309 -12.28 -4.61 12.81
N THR A 310 -12.09 -5.38 13.89
CA THR A 310 -10.95 -6.28 13.95
C THR A 310 -11.16 -7.50 13.05
N VAL A 311 -12.35 -8.09 13.08
CA VAL A 311 -12.59 -9.32 12.33
C VAL A 311 -12.80 -9.03 10.85
N GLY A 312 -13.06 -7.76 10.51
CA GLY A 312 -13.04 -7.37 9.11
C GLY A 312 -11.65 -7.40 8.52
N ALA A 313 -10.65 -7.02 9.31
CA ALA A 313 -9.27 -7.00 8.82
C ALA A 313 -8.65 -8.40 8.82
N VAL A 314 -9.09 -9.27 9.73
CA VAL A 314 -8.56 -10.62 9.81
C VAL A 314 -9.02 -11.44 8.60
N LEU A 315 -10.29 -11.31 8.24
CA LEU A 315 -10.80 -12.00 7.05
C LEU A 315 -10.33 -11.32 5.76
N LEU A 316 -9.91 -10.06 5.85
CA LEU A 316 -9.27 -9.40 4.71
C LEU A 316 -7.89 -9.99 4.43
N GLY A 317 -7.16 -10.36 5.50
CA GLY A 317 -5.83 -10.92 5.30
C GLY A 317 -5.85 -12.34 4.81
N TRP A 318 -6.97 -13.05 5.04
CA TRP A 318 -7.08 -14.43 4.57
C TRP A 318 -7.30 -14.49 3.06
N VAL A 319 -8.15 -13.60 2.54
CA VAL A 319 -8.46 -13.57 1.11
C VAL A 319 -7.26 -13.07 0.31
N GLY A 320 -6.56 -12.06 0.83
CA GLY A 320 -5.41 -11.52 0.14
C GLY A 320 -4.22 -12.47 0.11
N ALA A 321 -4.07 -13.30 1.15
CA ALA A 321 -3.01 -14.30 1.14
C ALA A 321 -3.37 -15.48 0.24
N TRP A 322 -4.66 -15.79 0.13
CA TRP A 322 -5.11 -16.88 -0.72
C TRP A 322 -4.94 -16.55 -2.20
N LEU A 323 -5.15 -15.28 -2.56
CA LEU A 323 -4.90 -14.85 -3.93
C LEU A 323 -3.41 -14.74 -4.21
N ALA A 324 -2.61 -14.50 -3.16
CA ALA A 324 -1.16 -14.37 -3.35
C ALA A 324 -0.49 -15.72 -3.55
N VAL A 325 -0.98 -16.76 -2.86
CA VAL A 325 -0.34 -18.07 -2.95
C VAL A 325 -0.75 -18.78 -4.24
N ALA A 326 -1.88 -18.39 -4.84
CA ALA A 326 -2.32 -19.01 -6.09
C ALA A 326 -1.48 -18.53 -7.27
N ARG A 327 -0.92 -17.32 -7.17
CA ARG A 327 0.02 -16.86 -8.19
C ARG A 327 1.35 -17.58 -8.05
N HIS A 328 1.72 -17.97 -6.82
CA HIS A 328 2.99 -18.64 -6.59
C HIS A 328 2.94 -20.11 -7.01
N LEU A 329 1.75 -20.69 -7.06
CA LEU A 329 1.61 -22.04 -7.61
C LEU A 329 1.80 -22.02 -9.12
N ARG A 330 1.27 -20.99 -9.78
CA ARG A 330 1.27 -20.92 -11.24
C ARG A 330 2.61 -20.51 -11.82
N GLU A 331 3.50 -19.92 -11.01
CA GLU A 331 4.74 -19.37 -11.55
C GLU A 331 5.75 -20.47 -11.86
N LEU A 332 5.76 -21.56 -11.08
CA LEU A 332 6.63 -22.69 -11.35
C LEU A 332 5.82 -23.98 -11.46
N ALA A 333 4.75 -23.95 -12.24
CA ALA A 333 3.94 -25.15 -12.48
C ALA A 333 4.72 -26.16 -13.30
N PRO A 334 4.64 -27.46 -12.99
CA PRO A 334 5.42 -28.45 -13.75
C PRO A 334 4.88 -28.74 -15.14
N ARG A 335 3.57 -28.56 -15.36
CA ARG A 335 2.98 -28.84 -16.66
C ARG A 335 2.15 -27.67 -17.15
N MET B 1 8.38 -54.05 -12.53
CA MET B 1 9.59 -53.40 -13.03
C MET B 1 9.25 -52.08 -13.72
N ILE B 2 10.27 -51.23 -13.87
CA ILE B 2 10.12 -49.94 -14.54
C ILE B 2 10.56 -50.11 -15.98
N ARG B 3 9.63 -49.98 -16.91
CA ARG B 3 9.92 -50.09 -18.33
C ARG B 3 10.30 -48.71 -18.85
N PHE B 4 11.47 -48.61 -19.45
CA PHE B 4 12.03 -47.34 -19.91
C PHE B 4 12.07 -47.39 -21.44
N GLU B 5 10.97 -46.98 -22.06
CA GLU B 5 10.84 -47.03 -23.51
C GLU B 5 11.38 -45.73 -24.12
N GLN B 6 11.08 -45.51 -25.40
CA GLN B 6 11.65 -44.40 -26.15
C GLN B 6 11.01 -43.07 -25.73
N VAL B 7 11.86 -42.10 -25.39
CA VAL B 7 11.42 -40.77 -25.00
C VAL B 7 12.48 -39.78 -25.45
N GLY B 8 12.03 -38.56 -25.78
CA GLY B 8 12.92 -37.49 -26.18
C GLY B 8 12.35 -36.12 -25.88
N LYS B 9 13.11 -35.27 -25.21
CA LYS B 9 12.63 -33.97 -24.75
C LYS B 9 13.27 -32.85 -25.57
N ARG B 10 12.45 -31.96 -26.10
CA ARG B 10 12.90 -30.76 -26.80
C ARG B 10 12.46 -29.55 -25.98
N TYR B 11 13.41 -28.71 -25.62
CA TYR B 11 13.11 -27.48 -24.89
C TYR B 11 12.57 -26.41 -25.84
N PRO B 12 11.74 -25.50 -25.32
CA PRO B 12 11.24 -24.40 -26.18
C PRO B 12 12.28 -23.34 -26.50
N ASN B 13 13.46 -23.37 -25.89
CA ASN B 13 14.52 -22.40 -26.20
C ASN B 13 15.24 -22.72 -27.50
N GLY B 14 15.00 -23.88 -28.10
CA GLY B 14 15.59 -24.24 -29.37
C GLY B 14 16.64 -25.33 -29.30
N HIS B 15 17.06 -25.74 -28.10
CA HIS B 15 18.07 -26.77 -27.95
C HIS B 15 17.44 -28.11 -27.60
N VAL B 16 17.95 -29.17 -28.20
CA VAL B 16 17.54 -30.54 -27.91
C VAL B 16 18.41 -31.05 -26.79
N GLY B 17 17.82 -31.22 -25.60
CA GLY B 17 18.57 -31.72 -24.46
C GLY B 17 18.94 -33.18 -24.61
N LEU B 18 18.04 -33.99 -25.15
CA LEU B 18 18.27 -35.42 -25.31
C LEU B 18 17.60 -35.87 -26.60
N HIS B 19 18.30 -36.69 -27.38
CA HIS B 19 17.78 -37.12 -28.66
C HIS B 19 16.95 -38.39 -28.53
N GLU B 20 17.53 -39.49 -28.07
CA GLU B 20 16.76 -40.69 -27.77
C GLU B 20 17.40 -41.42 -26.61
N VAL B 21 16.58 -42.17 -25.87
CA VAL B 21 17.04 -43.05 -24.80
C VAL B 21 15.99 -44.15 -24.61
N SER B 22 16.46 -45.34 -24.22
CA SER B 22 15.59 -46.43 -23.78
C SER B 22 16.43 -47.37 -22.92
N PHE B 23 16.02 -47.57 -21.67
CA PHE B 23 16.73 -48.42 -20.71
C PHE B 23 15.85 -49.58 -20.28
N ARG B 24 16.33 -50.32 -19.28
CA ARG B 24 15.57 -51.41 -18.67
C ARG B 24 15.89 -51.43 -17.18
N VAL B 25 14.88 -51.18 -16.35
CA VAL B 25 15.03 -51.12 -14.91
C VAL B 25 14.24 -52.26 -14.29
N HIS B 26 14.93 -53.13 -13.56
CA HIS B 26 14.27 -54.23 -12.87
C HIS B 26 13.95 -53.82 -11.44
N ARG B 27 13.16 -54.65 -10.75
CA ARG B 27 12.84 -54.42 -9.36
C ARG B 27 14.07 -54.70 -8.49
N GLY B 28 14.59 -53.66 -7.84
CA GLY B 28 15.80 -53.77 -7.07
C GLY B 28 17.08 -53.65 -7.87
N GLU B 29 17.00 -53.35 -9.17
CA GLU B 29 18.19 -53.18 -9.98
C GLU B 29 18.88 -51.86 -9.66
N ILE B 30 20.21 -51.89 -9.67
CA ILE B 30 21.03 -50.73 -9.36
C ILE B 30 21.68 -50.23 -10.65
N LEU B 31 21.61 -48.93 -10.89
CA LEU B 31 22.18 -48.29 -12.06
C LEU B 31 23.21 -47.26 -11.64
N PHE B 32 24.19 -47.05 -12.51
CA PHE B 32 25.30 -46.12 -12.30
C PHE B 32 25.53 -45.29 -13.56
N VAL B 33 24.47 -44.66 -14.07
CA VAL B 33 24.51 -43.97 -15.34
C VAL B 33 25.40 -42.73 -15.25
N THR B 34 26.42 -42.69 -16.12
CA THR B 34 27.42 -41.63 -16.10
C THR B 34 28.01 -41.51 -17.49
N GLY B 35 27.94 -40.32 -18.08
CA GLY B 35 28.50 -40.05 -19.38
C GLY B 35 29.42 -38.85 -19.34
N HIS B 36 29.45 -38.11 -20.45
CA HIS B 36 30.25 -36.89 -20.53
C HIS B 36 29.39 -35.70 -20.10
N SER B 37 29.90 -34.48 -20.29
CA SER B 37 29.27 -33.28 -19.73
C SER B 37 27.97 -32.94 -20.43
N GLY B 38 27.83 -33.30 -21.70
CA GLY B 38 26.60 -33.04 -22.43
C GLY B 38 25.50 -34.05 -22.20
N ALA B 39 25.78 -35.12 -21.46
CA ALA B 39 24.78 -36.16 -21.23
C ALA B 39 23.78 -35.69 -20.19
N GLY B 40 22.52 -35.58 -20.57
CA GLY B 40 21.50 -35.03 -19.69
C GLY B 40 20.90 -36.03 -18.72
N LYS B 41 21.75 -36.64 -17.88
CA LYS B 41 21.24 -37.62 -16.93
C LYS B 41 20.57 -36.98 -15.72
N SER B 42 21.02 -35.78 -15.32
CA SER B 42 20.31 -35.08 -14.26
C SER B 42 19.01 -34.47 -14.79
N THR B 43 18.98 -34.15 -16.08
CA THR B 43 17.73 -33.83 -16.74
C THR B 43 16.84 -35.07 -16.85
N LEU B 44 17.46 -36.24 -17.02
CA LEU B 44 16.72 -37.50 -17.04
C LEU B 44 16.15 -37.82 -15.66
N LEU B 45 16.86 -37.43 -14.59
CA LEU B 45 16.30 -37.56 -13.25
C LEU B 45 15.15 -36.59 -13.04
N ARG B 46 15.23 -35.41 -13.68
CA ARG B 46 14.10 -34.49 -13.67
C ARG B 46 12.95 -35.02 -14.52
N LEU B 47 13.27 -35.85 -15.52
CA LEU B 47 12.23 -36.53 -16.27
C LEU B 47 11.62 -37.67 -15.45
N ILE B 48 12.42 -38.27 -14.56
CA ILE B 48 11.91 -39.32 -13.68
C ILE B 48 10.96 -38.73 -12.64
N LEU B 49 11.32 -37.56 -12.10
CA LEU B 49 10.51 -36.88 -11.08
C LEU B 49 9.22 -36.28 -11.63
N ALA B 50 9.07 -36.22 -12.97
CA ALA B 50 7.90 -35.76 -13.71
C ALA B 50 7.54 -34.31 -13.41
N MET B 51 8.54 -33.46 -13.14
CA MET B 51 8.34 -32.03 -13.10
C MET B 51 8.77 -31.36 -14.39
N GLU B 52 9.13 -32.14 -15.41
CA GLU B 52 9.42 -31.64 -16.74
C GLU B 52 8.48 -32.31 -17.75
N ARG B 53 8.24 -31.61 -18.85
CA ARG B 53 7.36 -32.15 -19.90
C ARG B 53 8.07 -33.25 -20.67
N PRO B 54 7.38 -34.34 -21.00
CA PRO B 54 8.03 -35.42 -21.77
C PRO B 54 8.27 -35.08 -23.23
N THR B 55 7.58 -34.07 -23.77
CA THR B 55 7.65 -33.57 -25.15
C THR B 55 7.32 -34.67 -26.15
N SER B 56 8.32 -35.44 -26.56
CA SER B 56 8.15 -36.52 -27.53
C SER B 56 8.49 -37.85 -26.88
N GLY B 57 7.98 -38.93 -27.47
CA GLY B 57 8.18 -40.25 -26.92
C GLY B 57 7.25 -40.51 -25.74
N LYS B 58 7.55 -41.59 -25.02
CA LYS B 58 6.74 -42.02 -23.89
C LYS B 58 7.67 -42.42 -22.76
N LEU B 59 7.30 -42.05 -21.52
CA LEU B 59 8.06 -42.42 -20.33
C LEU B 59 7.13 -43.13 -19.37
N LEU B 60 7.63 -44.21 -18.75
CA LEU B 60 6.82 -45.02 -17.84
C LEU B 60 7.59 -45.23 -16.55
N LEU B 61 6.98 -44.82 -15.44
CA LEU B 61 7.49 -45.07 -14.08
C LEU B 61 6.38 -45.72 -13.27
N GLY B 62 6.53 -47.02 -12.99
CA GLY B 62 5.56 -47.71 -12.14
C GLY B 62 4.30 -48.08 -12.90
N GLY B 63 3.21 -48.24 -12.14
CA GLY B 63 1.93 -48.63 -12.70
C GLY B 63 1.12 -47.51 -13.31
N GLN B 64 1.59 -46.27 -13.23
CA GLN B 64 0.91 -45.13 -13.81
C GLN B 64 1.80 -44.50 -14.88
N ASP B 65 1.17 -44.01 -15.94
CA ASP B 65 1.89 -43.40 -17.04
C ASP B 65 2.40 -42.02 -16.63
N LEU B 66 3.53 -41.62 -17.23
CA LEU B 66 4.12 -40.30 -17.00
C LEU B 66 3.75 -39.45 -18.21
N GLY B 67 2.73 -38.63 -18.05
CA GLY B 67 2.14 -37.86 -19.12
C GLY B 67 0.65 -37.82 -18.95
N ARG B 68 0.05 -36.69 -19.37
CA ARG B 68 -1.33 -36.23 -19.18
C ARG B 68 -1.88 -36.50 -17.77
N ILE B 69 -1.06 -36.27 -16.77
CA ILE B 69 -1.40 -36.54 -15.37
C ILE B 69 -1.63 -35.20 -14.66
N THR B 70 -2.61 -35.17 -13.76
CA THR B 70 -3.01 -33.95 -13.10
C THR B 70 -1.94 -33.45 -12.14
N THR B 71 -1.86 -32.13 -12.00
CA THR B 71 -0.88 -31.49 -11.14
C THR B 71 -1.20 -31.70 -9.66
N ALA B 72 -2.49 -31.86 -9.33
CA ALA B 72 -2.89 -32.06 -7.95
C ALA B 72 -2.59 -33.45 -7.41
N GLN B 73 -2.19 -34.40 -8.26
CA GLN B 73 -1.95 -35.77 -7.83
C GLN B 73 -0.48 -36.16 -7.84
N ILE B 74 0.35 -35.52 -8.68
CA ILE B 74 1.78 -35.83 -8.75
C ILE B 74 2.66 -35.52 -7.52
N PRO B 75 2.37 -34.61 -6.57
CA PRO B 75 3.24 -34.60 -5.37
C PRO B 75 2.98 -35.74 -4.40
N PHE B 76 1.90 -36.50 -4.58
CA PHE B 76 1.73 -37.74 -3.82
C PHE B 76 2.75 -38.77 -4.27
N LEU B 77 3.11 -38.77 -5.57
CA LEU B 77 4.20 -39.59 -6.06
C LEU B 77 5.55 -39.06 -5.61
N ARG B 78 5.68 -37.74 -5.44
CA ARG B 78 6.97 -37.15 -5.07
C ARG B 78 7.28 -37.36 -3.59
N ARG B 79 6.28 -37.70 -2.78
CA ARG B 79 6.48 -37.87 -1.35
C ARG B 79 7.31 -39.11 -1.04
N GLN B 80 7.14 -40.17 -1.81
CA GLN B 80 7.86 -41.42 -1.60
C GLN B 80 9.15 -41.52 -2.41
N ILE B 81 9.68 -40.39 -2.89
CA ILE B 81 10.99 -40.34 -3.53
C ILE B 81 11.87 -39.40 -2.70
N GLY B 82 13.02 -39.91 -2.26
CA GLY B 82 13.98 -39.10 -1.52
C GLY B 82 14.94 -38.37 -2.42
N VAL B 83 14.47 -37.31 -3.08
CA VAL B 83 15.26 -36.63 -4.10
C VAL B 83 16.34 -35.78 -3.45
N VAL B 84 17.59 -36.02 -3.85
CA VAL B 84 18.73 -35.21 -3.43
C VAL B 84 19.30 -34.54 -4.67
N PHE B 85 19.31 -33.22 -4.67
CA PHE B 85 19.78 -32.45 -5.81
C PHE B 85 21.00 -31.64 -5.39
N GLN B 86 21.85 -31.30 -6.36
CA GLN B 86 23.17 -30.74 -6.06
C GLN B 86 23.07 -29.31 -5.54
N ASN B 87 22.12 -28.53 -6.04
CA ASN B 87 21.74 -27.33 -5.30
C ASN B 87 20.99 -27.75 -4.05
N HIS B 88 21.36 -27.18 -2.92
CA HIS B 88 21.02 -27.80 -1.64
C HIS B 88 19.70 -27.26 -1.11
N GLN B 89 18.68 -28.10 -1.11
CA GLN B 89 17.33 -27.74 -0.68
C GLN B 89 17.24 -27.87 0.84
N LEU B 90 17.48 -26.76 1.54
CA LEU B 90 17.27 -26.69 2.98
C LEU B 90 16.61 -25.36 3.33
N LEU B 91 15.75 -25.39 4.34
CA LEU B 91 15.10 -24.18 4.81
C LEU B 91 16.07 -23.38 5.68
N THR B 92 16.36 -22.15 5.28
CA THR B 92 17.26 -21.28 6.02
C THR B 92 16.58 -20.79 7.30
N ASP B 93 17.38 -20.70 8.38
CA ASP B 93 16.98 -20.23 9.72
C ASP B 93 15.89 -21.12 10.33
N ARG B 94 16.18 -22.42 10.39
CA ARG B 94 15.33 -23.39 11.07
C ARG B 94 16.27 -24.33 11.82
N THR B 95 15.71 -25.12 12.73
CA THR B 95 16.51 -26.16 13.40
C THR B 95 16.86 -27.27 12.41
N VAL B 96 17.97 -27.96 12.69
CA VAL B 96 18.46 -28.96 11.75
C VAL B 96 17.62 -30.23 11.83
N ALA B 97 16.95 -30.46 12.96
CA ALA B 97 16.14 -31.67 13.12
C ALA B 97 14.85 -31.60 12.30
N ASP B 98 14.41 -30.39 11.97
CA ASP B 98 13.24 -30.25 11.10
C ASP B 98 13.59 -30.54 9.65
N ASN B 99 14.86 -30.42 9.28
CA ASN B 99 15.27 -30.66 7.90
C ASN B 99 15.21 -32.15 7.55
N ILE B 100 15.48 -33.02 8.53
CA ILE B 100 15.18 -34.44 8.37
C ILE B 100 13.66 -34.64 8.34
N ALA B 101 12.94 -33.92 9.19
CA ALA B 101 11.51 -34.13 9.42
C ALA B 101 10.60 -33.55 8.35
N LEU B 102 11.13 -33.12 7.21
CA LEU B 102 10.31 -32.56 6.12
C LEU B 102 9.30 -33.54 5.52
N PRO B 103 9.58 -34.83 5.27
CA PRO B 103 8.45 -35.73 4.95
C PRO B 103 7.72 -36.23 6.18
N LEU B 104 8.28 -36.02 7.37
CA LEU B 104 7.73 -36.65 8.58
C LEU B 104 6.49 -35.92 9.07
N GLN B 105 6.37 -34.63 8.80
CA GLN B 105 5.13 -33.92 9.13
C GLN B 105 4.03 -34.21 8.11
N ILE B 106 4.41 -34.70 6.92
CA ILE B 106 3.43 -34.93 5.87
C ILE B 106 2.60 -36.18 6.15
N LEU B 107 3.26 -37.27 6.54
CA LEU B 107 2.64 -38.59 6.54
C LEU B 107 1.74 -38.85 7.73
N GLY B 108 1.74 -37.97 8.74
CA GLY B 108 0.86 -38.15 9.89
C GLY B 108 1.28 -39.23 10.86
N MET B 109 2.50 -39.17 11.34
CA MET B 109 3.20 -40.05 12.25
C MET B 109 3.48 -39.34 13.58
N PRO B 110 3.39 -40.06 14.72
CA PRO B 110 3.28 -39.39 16.02
C PRO B 110 4.55 -38.70 16.51
N LYS B 111 4.32 -37.67 17.33
CA LYS B 111 5.38 -36.74 17.75
C LYS B 111 6.51 -37.33 18.61
N PRO B 112 6.29 -38.13 19.68
CA PRO B 112 7.45 -38.54 20.49
C PRO B 112 8.41 -39.52 19.83
N GLU B 113 8.02 -40.16 18.74
CA GLU B 113 8.94 -40.96 17.96
C GLU B 113 9.54 -40.22 16.75
N ILE B 114 9.20 -38.94 16.57
CA ILE B 114 9.93 -38.10 15.63
C ILE B 114 11.35 -37.87 16.15
N ALA B 115 11.48 -37.59 17.45
CA ALA B 115 12.77 -37.29 18.05
C ALA B 115 13.65 -38.52 18.14
N LYS B 116 13.04 -39.72 18.18
CA LYS B 116 13.82 -40.95 18.18
C LYS B 116 14.38 -41.22 16.79
N ARG B 117 13.60 -40.91 15.74
CA ARG B 117 14.03 -41.22 14.37
C ARG B 117 15.07 -40.23 13.87
N VAL B 118 14.96 -38.96 14.26
CA VAL B 118 15.96 -37.97 13.83
C VAL B 118 17.26 -38.18 14.59
N ALA B 119 17.19 -38.75 15.79
CA ALA B 119 18.39 -39.18 16.49
C ALA B 119 18.96 -40.46 15.87
N SER B 120 18.11 -41.26 15.24
CA SER B 120 18.55 -42.53 14.66
C SER B 120 19.38 -42.32 13.39
N ALA B 121 19.06 -41.27 12.63
CA ALA B 121 19.69 -41.10 11.31
C ALA B 121 21.11 -40.56 11.43
N LEU B 122 21.44 -39.95 12.57
CA LEU B 122 22.65 -39.12 12.60
C LEU B 122 23.92 -39.92 12.89
N GLU B 123 23.79 -41.15 13.40
CA GLU B 123 24.98 -42.01 13.48
C GLU B 123 25.16 -42.83 12.22
N ARG B 124 24.08 -43.01 11.44
CA ARG B 124 24.17 -43.73 10.18
C ARG B 124 24.94 -42.91 9.14
N VAL B 125 24.84 -41.58 9.23
CA VAL B 125 25.58 -40.69 8.35
C VAL B 125 26.87 -40.21 9.02
N ASN B 126 27.10 -40.65 10.27
CA ASN B 126 28.24 -40.25 11.13
C ASN B 126 28.31 -38.73 11.31
N LEU B 127 27.28 -38.18 11.95
CA LEU B 127 27.19 -36.75 12.23
C LEU B 127 26.67 -36.57 13.64
N LYS B 128 27.55 -36.21 14.57
CA LYS B 128 27.16 -35.97 15.95
C LYS B 128 27.50 -34.53 16.33
N GLU B 129 26.87 -34.08 17.43
CA GLU B 129 27.11 -32.82 18.15
C GLU B 129 26.62 -31.59 17.36
N LYS B 130 26.01 -31.81 16.19
CA LYS B 130 25.51 -30.73 15.36
C LYS B 130 23.99 -30.59 15.42
N GLY B 131 23.34 -31.26 16.36
CA GLY B 131 21.90 -31.17 16.48
C GLY B 131 21.45 -29.85 17.07
N GLU B 132 20.21 -29.49 16.72
CA GLU B 132 19.52 -28.26 17.14
C GLU B 132 20.31 -27.00 16.76
N ALA B 133 20.48 -26.81 15.46
CA ALA B 133 21.22 -25.66 14.94
C ALA B 133 20.70 -25.31 13.55
N LEU B 134 21.20 -24.18 13.04
CA LEU B 134 20.81 -23.73 11.71
C LEU B 134 21.54 -24.54 10.64
N PRO B 135 21.01 -24.59 9.41
CA PRO B 135 21.80 -25.13 8.29
C PRO B 135 23.02 -24.29 7.94
N SER B 136 23.03 -23.01 8.30
CA SER B 136 24.22 -22.18 8.16
C SER B 136 25.29 -22.48 9.20
N ASP B 137 24.96 -23.26 10.23
CA ASP B 137 25.90 -23.63 11.28
C ASP B 137 26.64 -24.93 10.98
N LEU B 138 26.73 -25.32 9.71
CA LEU B 138 27.31 -26.60 9.31
C LEU B 138 28.47 -26.41 8.36
N SER B 139 29.24 -27.47 8.14
CA SER B 139 30.30 -27.48 7.14
C SER B 139 29.69 -27.69 5.77
N THR B 140 30.49 -27.43 4.72
CA THR B 140 30.03 -27.52 3.34
C THR B 140 29.68 -28.96 2.96
N GLY B 141 30.41 -29.93 3.51
CA GLY B 141 30.01 -31.31 3.34
C GLY B 141 28.81 -31.70 4.17
N GLN B 142 28.51 -30.92 5.22
CA GLN B 142 27.46 -31.34 6.15
C GLN B 142 26.05 -31.06 5.64
N GLN B 143 25.86 -30.09 4.73
CA GLN B 143 24.52 -30.02 4.13
C GLN B 143 24.34 -31.11 3.09
N GLN B 144 25.43 -31.65 2.55
CA GLN B 144 25.33 -32.90 1.81
C GLN B 144 25.04 -34.07 2.74
N ARG B 145 25.57 -34.02 3.96
CA ARG B 145 25.34 -35.08 4.94
C ARG B 145 23.90 -35.08 5.44
N VAL B 146 23.33 -33.89 5.68
CA VAL B 146 21.93 -33.86 6.07
C VAL B 146 21.04 -33.96 4.83
N GLY B 147 21.61 -33.68 3.65
CA GLY B 147 20.89 -33.92 2.41
C GLY B 147 20.66 -35.38 2.13
N ILE B 148 21.68 -36.21 2.36
CA ILE B 148 21.50 -37.64 2.18
C ILE B 148 20.80 -38.26 3.39
N ALA B 149 20.75 -37.52 4.50
CA ALA B 149 19.93 -37.96 5.63
C ALA B 149 18.44 -37.77 5.33
N ARG B 150 18.12 -36.83 4.45
CA ARG B 150 16.74 -36.62 4.04
C ARG B 150 16.23 -37.72 3.12
N ALA B 151 17.13 -38.45 2.46
CA ALA B 151 16.77 -39.53 1.55
C ALA B 151 16.66 -40.88 2.23
N ILE B 152 17.54 -41.17 3.21
CA ILE B 152 17.57 -42.49 3.83
C ILE B 152 16.46 -42.71 4.83
N VAL B 153 15.76 -41.66 5.25
CA VAL B 153 14.71 -41.83 6.26
C VAL B 153 13.45 -42.38 5.62
N HIS B 154 12.64 -43.04 6.46
CA HIS B 154 11.33 -43.67 6.22
C HIS B 154 11.42 -44.92 5.32
N GLN B 155 12.62 -45.31 4.85
CA GLN B 155 12.93 -46.38 3.91
C GLN B 155 12.07 -46.29 2.65
N PRO B 156 12.36 -45.34 1.74
CA PRO B 156 11.51 -45.17 0.56
C PRO B 156 11.66 -46.31 -0.43
N ALA B 157 10.57 -46.57 -1.17
CA ALA B 157 10.57 -47.67 -2.13
C ALA B 157 11.47 -47.39 -3.31
N LEU B 158 11.50 -46.15 -3.79
CA LEU B 158 12.36 -45.74 -4.89
C LEU B 158 13.26 -44.61 -4.41
N LEU B 159 14.57 -44.86 -4.40
CA LEU B 159 15.56 -43.88 -3.96
C LEU B 159 16.20 -43.29 -5.21
N LEU B 160 16.05 -41.97 -5.39
CA LEU B 160 16.61 -41.27 -6.52
C LEU B 160 17.48 -40.12 -6.01
N ALA B 161 18.76 -40.13 -6.39
CA ALA B 161 19.68 -39.09 -5.98
C ALA B 161 20.77 -38.98 -7.04
N ASP B 162 21.62 -37.97 -6.89
CA ASP B 162 22.81 -37.86 -7.73
C ASP B 162 24.01 -37.35 -6.93
N GLN B 163 25.18 -37.91 -7.25
CA GLN B 163 26.55 -37.61 -6.82
C GLN B 163 26.73 -37.27 -5.34
N PRO B 164 26.61 -38.23 -4.43
CA PRO B 164 26.97 -37.96 -3.04
C PRO B 164 28.48 -37.86 -2.89
N THR B 165 28.90 -37.06 -1.90
CA THR B 165 30.31 -36.79 -1.55
C THR B 165 31.12 -36.28 -2.74
N GLY B 166 30.54 -35.37 -3.51
CA GLY B 166 31.27 -34.75 -4.61
C GLY B 166 32.34 -33.80 -4.12
N ASN B 167 32.14 -33.23 -2.93
CA ASN B 167 33.12 -32.38 -2.29
C ASN B 167 33.72 -33.00 -1.03
N LEU B 168 33.23 -34.16 -0.62
CA LEU B 168 33.65 -34.82 0.61
C LEU B 168 34.67 -35.90 0.27
N ASP B 169 35.54 -36.20 1.25
CA ASP B 169 36.72 -37.03 1.02
C ASP B 169 36.33 -38.50 0.81
N PRO B 170 37.08 -39.23 -0.03
CA PRO B 170 36.73 -40.64 -0.28
C PRO B 170 37.07 -41.58 0.87
N ARG B 171 37.79 -41.12 1.90
CA ARG B 171 38.01 -41.93 3.08
C ARG B 171 36.71 -42.17 3.84
N LEU B 172 35.93 -41.10 4.05
CA LEU B 172 34.62 -41.25 4.67
C LEU B 172 33.57 -41.73 3.68
N ALA B 173 33.78 -41.50 2.38
CA ALA B 173 32.74 -41.77 1.40
C ALA B 173 32.60 -43.26 1.12
N SER B 174 33.63 -44.05 1.42
CA SER B 174 33.56 -45.50 1.20
C SER B 174 32.54 -46.15 2.13
N GLU B 175 32.42 -45.64 3.36
CA GLU B 175 31.32 -46.03 4.21
C GLU B 175 30.00 -45.45 3.73
N ILE B 176 30.03 -44.24 3.16
CA ILE B 176 28.83 -43.60 2.63
C ILE B 176 28.35 -44.33 1.38
N MET B 177 29.29 -44.77 0.54
CA MET B 177 28.95 -45.74 -0.51
C MET B 177 28.52 -47.07 0.09
N GLY B 178 29.14 -47.46 1.21
CA GLY B 178 28.85 -48.76 1.81
C GLY B 178 27.50 -48.83 2.49
N VAL B 179 26.91 -47.69 2.81
CA VAL B 179 25.53 -47.63 3.28
C VAL B 179 24.57 -48.03 2.16
N PHE B 180 24.93 -47.67 0.92
CA PHE B 180 23.95 -47.63 -0.17
C PHE B 180 23.58 -49.03 -0.67
N GLU B 181 24.50 -49.99 -0.57
CA GLU B 181 24.12 -51.35 -0.95
C GLU B 181 23.31 -52.02 0.15
N ASP B 182 23.42 -51.54 1.40
CA ASP B 182 22.59 -52.08 2.47
C ASP B 182 21.15 -51.61 2.32
N ILE B 183 20.95 -50.40 1.79
CA ILE B 183 19.63 -49.97 1.37
C ILE B 183 19.18 -50.78 0.16
N ASN B 184 20.12 -51.07 -0.75
CA ASN B 184 19.81 -51.84 -1.95
C ASN B 184 19.64 -53.33 -1.63
N ARG B 185 20.14 -53.80 -0.49
CA ARG B 185 19.92 -55.19 -0.09
C ARG B 185 18.47 -55.44 0.31
N LEU B 186 17.79 -54.41 0.81
CA LEU B 186 16.35 -54.46 1.00
C LEU B 186 15.67 -54.28 -0.35
N GLY B 187 14.36 -54.53 -0.41
CA GLY B 187 13.63 -54.43 -1.65
C GLY B 187 13.38 -53.02 -2.14
N THR B 188 14.45 -52.32 -2.52
CA THR B 188 14.42 -50.94 -2.96
C THR B 188 15.16 -50.82 -4.28
N THR B 189 14.76 -49.85 -5.08
CA THR B 189 15.43 -49.56 -6.34
C THR B 189 16.25 -48.29 -6.17
N VAL B 190 17.55 -48.40 -6.44
CA VAL B 190 18.47 -47.28 -6.32
C VAL B 190 19.02 -46.98 -7.71
N LEU B 191 18.81 -45.75 -8.16
CA LEU B 191 19.25 -45.32 -9.48
C LEU B 191 20.25 -44.18 -9.33
N ILE B 192 21.24 -44.39 -8.45
CA ILE B 192 22.18 -43.34 -8.08
C ILE B 192 23.09 -43.01 -9.25
N ALA B 193 23.25 -41.73 -9.53
CA ALA B 193 24.19 -41.27 -10.53
C ALA B 193 25.43 -40.74 -9.82
N SER B 194 26.58 -41.31 -10.16
CA SER B 194 27.84 -40.86 -9.60
C SER B 194 28.68 -40.46 -10.80
N HIS B 195 29.09 -39.19 -10.84
CA HIS B 195 29.63 -38.63 -12.06
C HIS B 195 31.07 -39.11 -12.22
N ASP B 196 31.69 -39.47 -11.11
CA ASP B 196 33.06 -39.95 -11.07
C ASP B 196 33.13 -41.42 -11.45
N LEU B 197 34.31 -41.85 -11.88
CA LEU B 197 34.52 -43.22 -12.35
C LEU B 197 35.58 -44.00 -11.58
N ALA B 198 36.46 -43.33 -10.84
CA ALA B 198 37.60 -44.00 -10.23
C ALA B 198 37.18 -44.83 -9.02
N LEU B 199 36.32 -44.29 -8.17
CA LEU B 199 35.94 -44.99 -6.95
C LEU B 199 34.93 -46.10 -7.23
N ILE B 200 34.15 -45.95 -8.29
CA ILE B 200 33.10 -46.92 -8.61
C ILE B 200 33.61 -48.14 -9.36
N ALA B 201 34.89 -48.16 -9.72
CA ALA B 201 35.42 -49.28 -10.52
C ALA B 201 35.59 -50.55 -9.67
N ARG B 202 35.66 -50.41 -8.35
CA ARG B 202 35.83 -51.58 -7.50
C ARG B 202 34.53 -52.35 -7.34
N MET B 203 33.39 -51.64 -7.35
CA MET B 203 32.10 -52.28 -7.13
C MET B 203 31.62 -52.99 -8.39
N ARG B 204 31.11 -54.20 -8.22
CA ARG B 204 30.51 -54.95 -9.31
C ARG B 204 29.03 -54.60 -9.42
N HIS B 205 28.65 -54.02 -10.56
CA HIS B 205 27.33 -53.42 -10.73
C HIS B 205 27.05 -53.29 -12.22
N ARG B 206 26.00 -52.54 -12.56
CA ARG B 206 25.58 -52.30 -13.93
C ARG B 206 25.86 -50.84 -14.28
N MET B 207 26.60 -50.62 -15.37
CA MET B 207 27.04 -49.29 -15.76
C MET B 207 26.36 -48.90 -17.08
N LEU B 208 25.95 -47.63 -17.17
CA LEU B 208 25.38 -47.08 -18.39
C LEU B 208 26.09 -45.77 -18.70
N THR B 209 26.17 -45.44 -19.99
CA THR B 209 26.88 -44.26 -20.45
C THR B 209 26.08 -43.59 -21.57
N LEU B 210 25.94 -42.27 -21.48
CA LEU B 210 25.25 -41.47 -22.50
C LEU B 210 26.22 -40.46 -23.09
N GLN B 211 26.12 -40.24 -24.40
CA GLN B 211 26.95 -39.24 -25.06
C GLN B 211 26.11 -38.47 -26.07
N ARG B 212 26.01 -37.16 -25.86
CA ARG B 212 25.24 -36.21 -26.68
C ARG B 212 23.77 -36.60 -26.82
N GLY B 213 23.20 -37.12 -25.74
CA GLY B 213 21.80 -37.52 -25.76
C GLY B 213 21.49 -38.77 -26.53
N ARG B 214 22.48 -39.62 -26.79
CA ARG B 214 22.24 -40.85 -27.52
C ARG B 214 21.68 -41.93 -26.58
N ILE B 215 21.21 -43.02 -27.18
CA ILE B 215 20.58 -44.09 -26.41
C ILE B 215 21.62 -44.89 -25.63
N ILE B 216 22.74 -45.26 -26.27
CA ILE B 216 23.81 -46.04 -25.66
C ILE B 216 25.13 -45.49 -26.16
N ALA B 217 25.99 -45.05 -25.24
CA ALA B 217 27.36 -44.71 -25.61
C ALA B 217 28.30 -45.87 -25.39
N ASP B 218 28.27 -46.47 -24.20
CA ASP B 218 29.04 -47.66 -23.89
C ASP B 218 28.08 -48.76 -23.43
N ARG B 219 28.52 -50.01 -23.60
CA ARG B 219 27.67 -51.14 -23.26
C ARG B 219 27.61 -51.34 -21.74
N GLU B 220 26.69 -52.21 -21.33
CA GLU B 220 26.50 -52.50 -19.92
C GLU B 220 27.66 -53.32 -19.37
N ASP B 221 28.16 -52.92 -18.20
CA ASP B 221 29.28 -53.59 -17.55
C ASP B 221 28.82 -54.54 -16.45
N GLU B 222 27.68 -55.19 -16.65
CA GLU B 222 27.12 -56.12 -15.67
C GLU B 222 27.91 -57.42 -15.63
N SER C 33 36.09 7.39 -12.58
CA SER C 33 36.12 8.43 -13.60
C SER C 33 34.72 8.95 -13.89
N PHE C 34 34.63 10.08 -14.59
CA PHE C 34 33.34 10.64 -14.95
C PHE C 34 32.70 9.85 -16.09
N SER C 35 33.53 9.26 -16.96
CA SER C 35 32.99 8.43 -18.04
C SER C 35 32.43 7.12 -17.52
N ALA C 36 33.06 6.54 -16.50
CA ALA C 36 32.57 5.30 -15.92
C ALA C 36 31.33 5.54 -15.07
N TYR C 37 31.18 6.76 -14.54
CA TYR C 37 30.02 7.09 -13.72
C TYR C 37 28.76 7.24 -14.58
N LEU C 38 28.92 7.81 -15.78
CA LEU C 38 27.76 7.99 -16.66
C LEU C 38 27.33 6.67 -17.29
N GLU C 39 28.29 5.81 -17.60
CA GLU C 39 27.95 4.50 -18.16
C GLU C 39 27.33 3.58 -17.10
N SER C 40 27.69 3.78 -15.83
CA SER C 40 27.05 3.03 -14.75
C SER C 40 25.62 3.50 -14.53
N HIS C 41 25.37 4.79 -14.73
CA HIS C 41 24.00 5.30 -14.59
C HIS C 41 23.15 4.92 -15.79
N ARG C 42 23.75 4.87 -16.99
CA ARG C 42 22.98 4.57 -18.19
C ARG C 42 22.64 3.08 -18.28
N ALA C 43 23.56 2.22 -17.86
CA ALA C 43 23.29 0.78 -17.88
C ALA C 43 22.29 0.38 -16.81
N SER C 44 22.31 1.08 -15.67
CA SER C 44 21.31 0.83 -14.64
C SER C 44 19.95 1.39 -15.03
N LEU C 45 19.94 2.40 -15.91
CA LEU C 45 18.69 2.96 -16.39
C LEU C 45 18.00 2.00 -17.36
N VAL C 46 18.75 1.44 -18.31
CA VAL C 46 18.14 0.61 -19.34
C VAL C 46 17.80 -0.77 -18.80
N ASP C 47 18.46 -1.19 -17.72
CA ASP C 47 18.09 -2.46 -17.08
C ASP C 47 16.80 -2.30 -16.26
N SER C 48 16.54 -1.09 -15.77
CA SER C 48 15.33 -0.86 -14.99
C SER C 48 14.09 -0.87 -15.88
N LEU C 49 14.19 -0.33 -17.10
CA LEU C 49 13.06 -0.35 -18.01
C LEU C 49 12.80 -1.74 -18.56
N ARG C 50 13.86 -2.54 -18.72
CA ARG C 50 13.67 -3.94 -19.07
C ARG C 50 13.08 -4.73 -17.91
N ARG C 51 13.40 -4.33 -16.68
CA ARG C 51 12.75 -4.91 -15.51
C ARG C 51 11.31 -4.44 -15.40
N LEU C 52 11.04 -3.19 -15.79
CA LEU C 52 9.69 -2.62 -15.72
C LEU C 52 8.76 -3.27 -16.74
N PHE C 53 9.29 -3.62 -17.92
CA PHE C 53 8.48 -4.27 -18.94
C PHE C 53 8.18 -5.71 -18.53
N GLY C 54 9.14 -6.36 -17.86
CA GLY C 54 8.89 -7.67 -17.29
C GLY C 54 7.94 -7.58 -16.11
N HIS C 55 7.21 -8.69 -15.90
CA HIS C 55 6.06 -8.77 -15.01
C HIS C 55 5.04 -7.65 -15.25
N PRO C 56 4.30 -7.70 -16.36
CA PRO C 56 3.41 -6.57 -16.69
C PRO C 56 2.18 -6.49 -15.80
N PHE C 57 1.76 -7.60 -15.19
CA PHE C 57 0.68 -7.53 -14.21
C PHE C 57 1.18 -6.94 -12.90
N GLY C 58 2.38 -7.34 -12.47
CA GLY C 58 2.87 -6.90 -11.17
C GLY C 58 3.38 -5.48 -11.17
N SER C 59 3.92 -5.01 -12.30
CA SER C 59 4.46 -3.66 -12.36
C SER C 59 3.34 -2.63 -12.42
N PHE C 60 2.22 -2.98 -13.05
CA PHE C 60 1.09 -2.06 -13.11
C PHE C 60 0.26 -2.10 -11.83
N PHE C 61 0.40 -3.19 -11.06
CA PHE C 61 -0.39 -3.34 -9.84
C PHE C 61 0.13 -2.43 -8.73
N THR C 62 1.45 -2.35 -8.59
CA THR C 62 2.01 -1.46 -7.57
C THR C 62 2.07 -0.01 -8.04
N CYS C 63 1.86 0.22 -9.34
CA CYS C 63 1.83 1.59 -9.86
C CYS C 63 0.53 2.29 -9.47
N LEU C 64 -0.59 1.54 -9.43
CA LEU C 64 -1.87 2.13 -9.05
C LEU C 64 -1.93 2.38 -7.54
N VAL C 65 -1.24 1.54 -6.75
CA VAL C 65 -1.19 1.75 -5.30
C VAL C 65 -0.36 2.99 -4.98
N MET C 66 0.69 3.22 -5.76
CA MET C 66 1.54 4.40 -5.60
C MET C 66 0.81 5.68 -6.00
N GLY C 67 -0.26 5.56 -6.80
CA GLY C 67 -0.97 6.75 -7.24
C GLY C 67 -2.22 7.04 -6.44
N ILE C 68 -2.96 6.00 -6.04
CA ILE C 68 -4.28 6.21 -5.44
C ILE C 68 -4.17 6.66 -3.99
N THR C 69 -3.01 6.47 -3.36
CA THR C 69 -2.80 7.02 -2.02
C THR C 69 -2.41 8.49 -2.11
N LEU C 70 -1.62 8.85 -3.13
CA LEU C 70 -1.20 10.22 -3.35
C LEU C 70 -2.33 11.13 -3.81
N SER C 71 -3.40 10.56 -4.38
CA SER C 71 -4.48 11.38 -4.93
C SER C 71 -5.35 12.01 -3.84
N LEU C 72 -5.30 11.49 -2.61
CA LEU C 72 -6.11 12.04 -1.54
C LEU C 72 -5.59 13.35 -0.93
N PRO C 73 -4.27 13.50 -0.50
CA PRO C 73 -3.89 14.79 0.11
C PRO C 73 -3.79 15.95 -0.88
N MET C 74 -3.36 15.69 -2.10
CA MET C 74 -3.31 16.75 -3.11
C MET C 74 -4.70 17.03 -3.68
N GLY C 75 -5.55 16.00 -3.73
CA GLY C 75 -6.91 16.19 -4.23
C GLY C 75 -7.77 17.02 -3.31
N LEU C 76 -7.65 16.80 -2.00
CA LEU C 76 -8.42 17.59 -1.04
C LEU C 76 -7.84 18.98 -0.88
N SER C 77 -6.55 19.15 -1.15
CA SER C 77 -5.95 20.48 -1.11
C SER C 77 -6.38 21.30 -2.32
N LEU C 78 -6.63 20.64 -3.45
CA LEU C 78 -7.13 21.34 -4.63
C LEU C 78 -8.59 21.72 -4.44
N LEU C 79 -9.32 20.94 -3.64
CA LEU C 79 -10.70 21.28 -3.31
C LEU C 79 -10.77 22.51 -2.41
N LEU C 80 -9.88 22.57 -1.41
CA LEU C 80 -9.92 23.66 -0.43
C LEU C 80 -9.44 24.97 -1.04
N ASN C 81 -8.61 24.89 -2.09
CA ASN C 81 -8.19 26.10 -2.78
C ASN C 81 -9.28 26.61 -3.73
N ASN C 82 -10.25 25.74 -4.07
CA ASN C 82 -11.28 26.11 -5.02
C ASN C 82 -12.50 26.67 -4.28
N VAL C 83 -12.77 26.15 -3.07
CA VAL C 83 -13.90 26.60 -2.27
C VAL C 83 -13.68 28.03 -1.76
N GLU C 84 -12.42 28.36 -1.41
CA GLU C 84 -12.10 29.69 -0.89
C GLU C 84 -12.18 30.80 -1.94
N ARG C 85 -12.22 30.44 -3.23
CA ARG C 85 -12.54 31.42 -4.26
C ARG C 85 -13.97 31.94 -4.13
N LEU C 86 -14.90 31.05 -3.81
CA LEU C 86 -16.27 31.44 -3.48
C LEU C 86 -16.28 32.01 -2.07
N GLY C 87 -16.22 33.34 -1.97
CA GLY C 87 -16.17 33.98 -0.67
C GLY C 87 -17.33 34.93 -0.43
N GLY C 88 -18.12 35.19 -1.47
CA GLY C 88 -19.25 36.10 -1.32
C GLY C 88 -20.42 35.47 -0.59
N SER C 89 -20.59 34.15 -0.73
CA SER C 89 -21.69 33.47 -0.05
C SER C 89 -21.41 33.29 1.43
N TRP C 90 -20.14 33.01 1.77
CA TRP C 90 -19.78 32.89 3.19
C TRP C 90 -19.81 34.24 3.88
N GLN C 91 -19.35 35.29 3.20
CA GLN C 91 -19.45 36.65 3.72
C GLN C 91 -20.72 37.35 3.22
N ARG C 92 -21.87 36.72 3.46
CA ARG C 92 -23.16 37.31 3.15
C ARG C 92 -24.06 37.46 4.37
N ALA C 93 -23.96 36.54 5.33
CA ALA C 93 -24.71 36.65 6.56
C ALA C 93 -24.06 37.67 7.49
N ALA C 94 -24.78 37.99 8.58
CA ALA C 94 -24.41 38.98 9.61
C ALA C 94 -24.13 40.35 9.00
N GLN C 95 -24.98 40.76 8.05
CA GLN C 95 -24.86 42.07 7.44
C GLN C 95 -25.58 43.11 8.29
N ILE C 96 -24.89 44.20 8.61
CA ILE C 96 -25.44 45.21 9.50
C ILE C 96 -26.33 46.17 8.70
N SER C 97 -27.50 46.49 9.26
CA SER C 97 -28.46 47.37 8.61
C SER C 97 -28.66 48.62 9.46
N LEU C 98 -28.62 49.78 8.82
CA LEU C 98 -28.89 51.06 9.46
C LEU C 98 -30.04 51.75 8.73
N PHE C 99 -30.96 52.32 9.49
CA PHE C 99 -32.14 52.97 8.92
C PHE C 99 -32.05 54.48 9.10
N LEU C 100 -32.28 55.22 8.01
CA LEU C 100 -32.37 56.66 8.02
C LEU C 100 -33.77 57.08 8.49
N ASP C 101 -33.96 58.36 8.71
CA ASP C 101 -35.26 58.92 9.06
C ASP C 101 -36.13 59.06 7.81
N LEU C 102 -37.24 59.81 7.95
CA LEU C 102 -38.18 59.99 6.86
C LEU C 102 -37.59 60.82 5.72
N LYS C 103 -36.81 61.84 6.06
CA LYS C 103 -36.16 62.66 5.04
C LYS C 103 -34.98 61.90 4.45
N THR C 104 -34.91 61.87 3.12
CA THR C 104 -33.91 61.11 2.39
C THR C 104 -33.02 62.04 1.60
N SER C 105 -31.70 61.87 1.74
CA SER C 105 -30.73 62.55 0.89
C SER C 105 -29.62 61.56 0.56
N GLU C 106 -29.28 61.49 -0.72
CA GLU C 106 -28.35 60.46 -1.18
C GLU C 106 -26.89 60.84 -0.97
N ASN C 107 -26.61 62.12 -0.75
CA ASN C 107 -25.21 62.54 -0.67
C ASN C 107 -24.57 62.25 0.67
N GLN C 108 -25.37 62.11 1.74
CA GLN C 108 -24.81 61.52 2.96
C GLN C 108 -24.81 60.00 2.88
N GLY C 109 -25.61 59.42 1.97
CA GLY C 109 -25.62 57.97 1.81
C GLY C 109 -24.34 57.43 1.21
N GLN C 110 -23.77 58.15 0.25
CA GLN C 110 -22.48 57.77 -0.29
C GLN C 110 -21.35 58.13 0.66
N ASP C 111 -21.59 59.12 1.53
CA ASP C 111 -20.59 59.51 2.52
C ASP C 111 -20.45 58.45 3.61
N LEU C 112 -21.57 57.87 4.04
CA LEU C 112 -21.51 56.77 5.00
C LEU C 112 -21.08 55.48 4.33
N ARG C 113 -21.23 55.40 3.01
CA ARG C 113 -20.78 54.22 2.26
C ARG C 113 -19.26 54.13 2.23
N GLU C 114 -18.59 55.26 2.00
CA GLU C 114 -17.14 55.25 1.93
C GLU C 114 -16.50 55.32 3.32
N GLN C 115 -17.25 55.74 4.33
CA GLN C 115 -16.68 55.85 5.67
C GLN C 115 -16.55 54.49 6.34
N ILE C 116 -17.51 53.59 6.11
CA ILE C 116 -17.41 52.23 6.64
C ILE C 116 -16.31 51.45 5.92
N GLU C 117 -16.16 51.68 4.61
CA GLU C 117 -15.12 51.00 3.84
C GLU C 117 -13.73 51.48 4.20
N ARG C 118 -13.63 52.71 4.71
CA ARG C 118 -12.34 53.19 5.24
C ARG C 118 -11.98 52.47 6.53
N LEU C 119 -12.98 52.18 7.36
CA LEU C 119 -12.76 51.43 8.59
C LEU C 119 -12.46 49.96 8.26
N PRO C 120 -11.62 49.28 9.06
CA PRO C 120 -11.34 47.87 8.80
C PRO C 120 -12.46 46.93 9.20
N ASP C 121 -12.20 45.62 9.04
CA ASP C 121 -13.16 44.52 9.23
C ASP C 121 -14.42 44.73 8.38
N VAL C 122 -14.22 45.06 7.10
CA VAL C 122 -15.29 45.17 6.12
C VAL C 122 -14.84 44.45 4.85
N ILE C 123 -15.81 44.19 3.95
CA ILE C 123 -15.51 43.74 2.59
C ILE C 123 -15.85 44.82 1.55
N GLU C 124 -17.03 45.43 1.65
CA GLU C 124 -17.59 46.40 0.71
C GLU C 124 -18.90 46.90 1.30
N ALA C 125 -19.15 48.19 1.19
CA ALA C 125 -20.40 48.78 1.65
C ALA C 125 -21.22 49.19 0.44
N GLN C 126 -22.49 48.77 0.40
CA GLN C 126 -23.38 49.08 -0.70
C GLN C 126 -24.66 49.68 -0.15
N LEU C 127 -25.22 50.63 -0.88
CA LEU C 127 -26.44 51.31 -0.47
C LEU C 127 -27.40 51.36 -1.65
N ILE C 128 -28.63 50.90 -1.43
CA ILE C 128 -29.69 51.05 -2.40
C ILE C 128 -30.65 52.12 -1.90
N SER C 129 -31.30 52.81 -2.83
CA SER C 129 -32.06 54.01 -2.52
C SER C 129 -33.52 53.65 -2.23
N ARG C 130 -34.35 54.69 -2.04
CA ARG C 130 -35.78 54.48 -1.82
C ARG C 130 -36.47 53.98 -3.07
N GLU C 131 -36.05 54.47 -4.24
CA GLU C 131 -36.59 53.99 -5.51
C GLU C 131 -36.22 52.53 -5.75
N GLN C 132 -35.00 52.14 -5.35
CA GLN C 132 -34.64 50.73 -5.36
C GLN C 132 -35.43 49.97 -4.30
N ALA C 133 -35.71 50.60 -3.16
CA ALA C 133 -36.54 49.99 -2.13
C ALA C 133 -38.00 49.94 -2.56
N LEU C 134 -38.43 50.93 -3.33
CA LEU C 134 -39.76 50.87 -3.96
C LEU C 134 -39.82 49.75 -5.00
N SER C 135 -38.75 49.58 -5.78
CA SER C 135 -38.81 48.67 -6.92
C SER C 135 -38.79 47.21 -6.48
N GLU C 136 -38.08 46.90 -5.39
CA GLU C 136 -37.90 45.50 -5.00
C GLU C 136 -39.13 44.93 -4.32
N LEU C 137 -40.06 45.78 -3.91
CA LEU C 137 -41.31 45.28 -3.35
C LEU C 137 -42.35 45.04 -4.44
N GLN C 138 -42.12 45.57 -5.65
CA GLN C 138 -43.16 45.56 -6.66
C GLN C 138 -43.27 44.22 -7.36
N GLU C 139 -42.16 43.46 -7.45
CA GLU C 139 -42.31 42.07 -7.90
C GLU C 139 -42.79 41.20 -6.75
N GLN C 140 -42.62 41.68 -5.53
CA GLN C 140 -43.11 40.97 -4.36
C GLN C 140 -44.60 41.24 -4.20
N SER C 141 -45.24 40.48 -3.30
CA SER C 141 -46.67 40.62 -3.13
C SER C 141 -47.04 41.82 -2.28
N GLY C 142 -46.08 42.40 -1.56
CA GLY C 142 -46.35 43.58 -0.76
C GLY C 142 -46.33 44.85 -1.56
N LEU C 143 -46.84 45.91 -0.91
CA LEU C 143 -46.94 47.28 -1.46
C LEU C 143 -47.74 47.28 -2.77
N GLY C 144 -48.91 46.65 -2.72
CA GLY C 144 -49.76 46.58 -3.90
C GLY C 144 -50.84 47.65 -3.93
N GLU C 145 -50.78 48.52 -4.94
CA GLU C 145 -51.67 49.66 -5.15
C GLU C 145 -51.71 50.58 -3.93
N ALA C 146 -50.54 50.85 -3.34
CA ALA C 146 -50.43 51.66 -2.15
C ALA C 146 -49.81 53.03 -2.37
N LEU C 147 -49.15 53.25 -3.51
CA LEU C 147 -48.50 54.54 -3.76
C LEU C 147 -49.47 55.57 -4.33
N LYS C 148 -50.70 55.18 -4.67
CA LYS C 148 -51.70 56.17 -5.03
C LYS C 148 -52.16 56.95 -3.81
N GLU C 149 -52.12 56.33 -2.64
CA GLU C 149 -52.47 57.01 -1.40
C GLU C 149 -51.24 57.62 -0.74
N LEU C 150 -50.07 57.05 -0.94
CA LEU C 150 -48.83 57.57 -0.36
C LEU C 150 -48.41 58.84 -1.08
N PRO C 151 -48.24 59.97 -0.38
CA PRO C 151 -47.75 61.18 -1.05
C PRO C 151 -46.28 61.10 -1.43
N GLU C 152 -45.50 60.30 -0.71
CA GLU C 152 -44.08 60.14 -1.00
C GLU C 152 -43.64 58.77 -0.50
N ASN C 153 -42.46 58.35 -0.96
CA ASN C 153 -41.89 57.08 -0.53
C ASN C 153 -41.30 57.22 0.87
N PRO C 154 -41.78 56.48 1.86
CA PRO C 154 -41.26 56.63 3.23
C PRO C 154 -40.16 55.65 3.60
N LEU C 155 -39.75 54.77 2.71
CA LEU C 155 -38.76 53.76 3.03
C LEU C 155 -37.36 54.37 3.00
N PRO C 156 -36.59 54.30 4.08
CA PRO C 156 -35.26 54.89 4.07
C PRO C 156 -34.25 53.99 3.38
N PRO C 157 -33.19 54.55 2.81
CA PRO C 157 -32.10 53.72 2.29
C PRO C 157 -31.33 53.04 3.41
N VAL C 158 -30.70 51.91 3.08
CA VAL C 158 -30.06 51.06 4.07
C VAL C 158 -28.63 50.79 3.59
N ILE C 159 -27.75 50.49 4.54
CA ILE C 159 -26.41 49.99 4.26
C ILE C 159 -26.41 48.50 4.63
N SER C 160 -25.52 47.73 4.00
CA SER C 160 -25.39 46.30 4.28
C SER C 160 -23.93 45.90 4.18
N VAL C 161 -23.26 45.81 5.33
CA VAL C 161 -21.83 45.55 5.41
C VAL C 161 -21.60 44.24 6.15
N THR C 162 -20.86 43.33 5.53
CA THR C 162 -20.43 42.10 6.18
C THR C 162 -18.97 42.23 6.60
N PRO C 163 -18.63 41.87 7.85
CA PRO C 163 -17.22 41.88 8.26
C PRO C 163 -16.40 40.83 7.51
N LYS C 164 -15.12 41.16 7.24
CA LYS C 164 -14.27 40.26 6.50
C LYS C 164 -13.76 39.11 7.36
N GLN C 165 -13.68 39.31 8.68
CA GLN C 165 -13.34 38.24 9.60
C GLN C 165 -14.40 38.15 10.68
N ILE C 166 -14.50 36.97 11.28
CA ILE C 166 -15.47 36.71 12.34
C ILE C 166 -14.78 36.52 13.69
N ASP C 167 -13.44 36.47 13.70
CA ASP C 167 -12.44 36.30 14.79
C ASP C 167 -12.91 35.49 16.00
N ARG C 168 -12.92 36.06 17.21
CA ARG C 168 -13.35 35.35 18.39
C ARG C 168 -14.49 36.14 19.03
N ALA C 169 -14.85 35.74 20.25
CA ALA C 169 -15.92 36.43 20.98
C ALA C 169 -15.49 37.83 21.37
N GLY C 170 -16.42 38.78 21.29
CA GLY C 170 -16.14 40.18 21.47
C GLY C 170 -16.36 41.04 20.25
N LEU C 171 -16.96 40.48 19.19
CA LEU C 171 -17.31 41.25 18.00
C LEU C 171 -18.69 41.91 18.11
N GLU C 172 -19.35 41.77 19.26
CA GLU C 172 -20.59 42.50 19.54
C GLU C 172 -20.32 43.94 19.98
N ALA C 173 -19.06 44.32 20.18
CA ALA C 173 -18.72 45.67 20.62
C ALA C 173 -18.62 46.67 19.47
N LEU C 174 -19.12 46.34 18.28
CA LEU C 174 -19.20 47.31 17.20
C LEU C 174 -20.55 48.03 17.16
N ARG C 175 -21.43 47.74 18.11
CA ARG C 175 -22.79 48.28 18.07
C ARG C 175 -22.83 49.74 18.51
N GLN C 176 -21.92 50.15 19.40
CA GLN C 176 -21.99 51.50 19.95
C GLN C 176 -21.44 52.55 18.99
N GLN C 177 -20.57 52.15 18.05
CA GLN C 177 -20.06 53.12 17.09
C GLN C 177 -20.86 53.16 15.79
N LEU C 178 -21.80 52.24 15.59
CA LEU C 178 -22.73 52.39 14.48
C LEU C 178 -23.93 53.24 14.88
N ALA C 179 -24.14 53.41 16.19
CA ALA C 179 -25.12 54.37 16.71
C ALA C 179 -24.53 55.77 16.86
N GLU C 180 -23.25 55.95 16.55
CA GLU C 180 -22.59 57.24 16.57
C GLU C 180 -23.08 58.13 15.43
N LEU C 181 -23.60 57.54 14.35
CA LEU C 181 -24.15 58.30 13.24
C LEU C 181 -25.41 59.05 13.69
N PRO C 182 -25.65 60.26 13.17
CA PRO C 182 -26.77 61.08 13.69
C PRO C 182 -28.15 60.58 13.27
N HIS C 183 -28.25 59.66 12.32
CA HIS C 183 -29.53 59.14 11.85
C HIS C 183 -29.57 57.64 12.08
N VAL C 184 -30.03 57.23 13.25
CA VAL C 184 -30.22 55.82 13.60
C VAL C 184 -31.67 55.64 13.99
N GLN C 185 -32.39 54.82 13.24
CA GLN C 185 -33.78 54.48 13.54
C GLN C 185 -33.92 53.06 14.06
N GLN C 186 -33.31 52.08 13.39
CA GLN C 186 -33.32 50.71 13.83
C GLN C 186 -31.93 50.13 13.71
N ALA C 187 -31.57 49.30 14.70
CA ALA C 187 -30.31 48.56 14.76
C ALA C 187 -30.69 47.12 15.12
N GLN C 188 -31.66 46.59 14.39
CA GLN C 188 -32.24 45.27 14.69
C GLN C 188 -31.30 44.14 14.26
N LEU C 189 -30.36 43.82 15.16
CA LEU C 189 -29.55 42.63 14.98
C LEU C 189 -30.27 41.40 15.53
N ASP C 190 -29.76 40.23 15.16
CA ASP C 190 -30.04 38.99 15.86
C ASP C 190 -28.76 38.63 16.59
N LEU C 191 -28.73 38.90 17.90
CA LEU C 191 -27.46 39.06 18.61
C LEU C 191 -26.83 37.72 18.96
N VAL C 192 -27.60 36.63 18.88
CA VAL C 192 -27.14 35.36 19.44
C VAL C 192 -26.10 34.68 18.52
N TRP C 193 -26.45 34.40 17.26
CA TRP C 193 -25.49 33.76 16.35
C TRP C 193 -24.87 34.79 15.40
N VAL C 194 -24.10 35.69 15.98
CA VAL C 194 -23.09 36.47 15.27
C VAL C 194 -21.75 36.07 15.89
N GLU C 195 -21.77 35.91 17.22
CA GLU C 195 -20.65 35.31 17.93
C GLU C 195 -20.50 33.83 17.59
N ARG C 196 -21.61 33.17 17.25
CA ARG C 196 -21.57 31.73 17.03
C ARG C 196 -21.16 31.39 15.60
N LEU C 197 -20.96 32.40 14.75
CA LEU C 197 -20.28 32.17 13.48
C LEU C 197 -18.77 32.08 13.66
N SER C 198 -18.28 32.45 14.85
CA SER C 198 -16.90 32.13 15.22
C SER C 198 -16.82 30.73 15.82
N ALA C 199 -17.96 30.07 16.00
CA ALA C 199 -17.96 28.70 16.50
C ALA C 199 -17.98 27.70 15.35
N ILE C 200 -18.77 27.97 14.31
CA ILE C 200 -18.80 27.06 13.14
C ILE C 200 -17.52 27.19 12.33
N LEU C 201 -17.11 28.41 12.03
CA LEU C 201 -15.77 28.63 11.49
C LEU C 201 -14.77 28.41 12.62
N LYS C 202 -13.60 27.87 12.24
CA LYS C 202 -12.46 27.33 13.00
C LYS C 202 -12.78 25.99 13.68
N LEU C 203 -14.04 25.56 13.66
CA LEU C 203 -14.33 24.14 13.86
C LEU C 203 -13.97 23.35 12.61
N GLY C 204 -14.36 23.86 11.44
CA GLY C 204 -13.98 23.24 10.19
C GLY C 204 -12.53 23.43 9.81
N GLU C 205 -11.90 24.50 10.28
CA GLU C 205 -10.47 24.69 10.04
C GLU C 205 -9.65 23.71 10.87
N ARG C 206 -10.14 23.36 12.07
CA ARG C 206 -9.49 22.32 12.85
C ARG C 206 -9.90 20.94 12.37
N PHE C 207 -11.04 20.84 11.68
CA PHE C 207 -11.48 19.56 11.13
C PHE C 207 -10.63 19.17 9.93
N VAL C 208 -10.31 20.14 9.07
CA VAL C 208 -9.43 19.84 7.93
C VAL C 208 -7.99 19.77 8.38
N PHE C 209 -7.65 20.33 9.54
CA PHE C 209 -6.30 20.18 10.07
C PHE C 209 -6.13 18.80 10.70
N GLY C 210 -7.24 18.16 11.07
CA GLY C 210 -7.18 16.78 11.51
C GLY C 210 -6.86 15.83 10.37
N LEU C 211 -7.37 16.13 9.17
CA LEU C 211 -7.18 15.22 8.05
C LEU C 211 -5.91 15.53 7.27
N THR C 212 -5.43 16.79 7.32
CA THR C 212 -4.21 17.11 6.60
C THR C 212 -2.97 16.69 7.38
N ILE C 213 -3.15 16.29 8.65
CA ILE C 213 -2.08 15.62 9.37
C ILE C 213 -2.16 14.11 9.13
N LEU C 214 -3.37 13.55 9.17
CA LEU C 214 -3.53 12.10 9.13
C LEU C 214 -3.30 11.53 7.74
N LEU C 215 -3.71 12.24 6.69
CA LEU C 215 -3.57 11.71 5.34
C LEU C 215 -2.14 11.84 4.83
N VAL C 216 -1.40 12.85 5.30
CA VAL C 216 0.02 12.97 4.94
C VAL C 216 0.83 11.88 5.63
N LEU C 217 0.54 11.61 6.90
CA LEU C 217 1.30 10.60 7.64
C LEU C 217 0.92 9.18 7.23
N THR C 218 -0.27 8.99 6.63
CA THR C 218 -0.55 7.67 6.06
C THR C 218 -0.02 7.56 4.64
N LEU C 219 0.39 8.68 4.04
CA LEU C 219 1.08 8.62 2.76
C LEU C 219 2.52 8.20 2.94
N LEU C 220 3.16 8.66 4.02
CA LEU C 220 4.57 8.37 4.25
C LEU C 220 4.80 6.92 4.69
N LEU C 221 3.76 6.28 5.22
CA LEU C 221 3.92 4.91 5.70
C LEU C 221 3.69 3.88 4.59
N VAL C 222 2.76 4.16 3.66
CA VAL C 222 2.47 3.22 2.58
C VAL C 222 3.64 3.18 1.58
N VAL C 223 4.21 4.35 1.28
CA VAL C 223 5.39 4.42 0.42
C VAL C 223 6.60 3.83 1.14
N GLY C 224 6.70 4.07 2.45
CA GLY C 224 7.86 3.61 3.19
C GLY C 224 7.83 2.13 3.50
N ASN C 225 6.68 1.47 3.31
CA ASN C 225 6.61 0.04 3.58
C ASN C 225 6.88 -0.78 2.32
N THR C 226 6.34 -0.33 1.18
CA THR C 226 6.43 -1.11 -0.05
C THR C 226 7.84 -1.06 -0.64
N ILE C 227 8.48 0.11 -0.60
CA ILE C 227 9.84 0.27 -1.11
C ILE C 227 10.83 -0.49 -0.22
N ARG C 228 10.60 -0.47 1.10
CA ARG C 228 11.46 -1.19 2.02
C ARG C 228 11.31 -2.70 1.88
N LEU C 229 10.11 -3.15 1.51
CA LEU C 229 9.89 -4.58 1.34
C LEU C 229 10.41 -5.07 -0.01
N HIS C 230 10.62 -4.15 -0.96
CA HIS C 230 11.30 -4.48 -2.20
C HIS C 230 12.76 -4.85 -1.96
N ILE C 231 13.42 -4.15 -1.02
CA ILE C 231 14.77 -4.50 -0.61
C ILE C 231 14.75 -5.83 0.14
N GLU C 232 13.68 -6.08 0.88
CA GLU C 232 13.50 -7.38 1.53
C GLU C 232 13.28 -8.49 0.51
N ASN C 233 12.62 -8.19 -0.62
CA ASN C 233 12.58 -9.09 -1.75
C ASN C 233 13.92 -9.15 -2.46
N ARG C 234 14.05 -10.14 -3.36
CA ARG C 234 15.20 -10.42 -4.27
C ARG C 234 16.55 -10.33 -3.56
N ARG C 235 16.61 -10.94 -2.38
CA ARG C 235 17.71 -10.75 -1.44
C ARG C 235 19.00 -11.41 -1.90
N ASN C 236 18.94 -12.38 -2.82
CA ASN C 236 20.12 -13.19 -3.12
C ASN C 236 21.12 -12.45 -4.01
N GLU C 237 20.70 -11.39 -4.69
CA GLU C 237 21.61 -10.76 -5.66
C GLU C 237 22.57 -9.79 -4.98
N ILE C 238 22.32 -9.43 -3.71
CA ILE C 238 23.14 -8.42 -3.05
C ILE C 238 24.48 -9.00 -2.61
N GLU C 239 24.46 -10.19 -2.01
CA GLU C 239 25.70 -10.75 -1.46
C GLU C 239 26.61 -11.31 -2.55
N VAL C 240 26.05 -11.61 -3.73
CA VAL C 240 26.90 -12.17 -4.78
C VAL C 240 27.63 -11.07 -5.53
N ILE C 241 27.17 -9.81 -5.42
CA ILE C 241 27.92 -8.71 -6.00
C ILE C 241 28.70 -7.93 -4.94
N LYS C 242 28.56 -8.29 -3.67
CA LYS C 242 29.28 -7.59 -2.60
C LYS C 242 30.60 -8.26 -2.28
N LEU C 243 30.65 -9.60 -2.33
CA LEU C 243 31.89 -10.30 -2.01
C LEU C 243 32.87 -10.24 -3.17
N VAL C 244 32.38 -10.03 -4.40
CA VAL C 244 33.28 -9.89 -5.53
C VAL C 244 33.71 -8.45 -5.72
N GLY C 245 33.16 -7.51 -4.95
CA GLY C 245 33.50 -6.11 -5.07
C GLY C 245 32.32 -5.20 -4.85
N GLY C 246 32.21 -4.14 -5.65
CA GLY C 246 31.04 -3.28 -5.64
C GLY C 246 31.01 -2.29 -4.49
N THR C 247 30.26 -1.22 -4.70
CA THR C 247 30.03 -0.19 -3.70
C THR C 247 28.55 -0.17 -3.31
N ASP C 248 28.21 0.74 -2.39
CA ASP C 248 26.81 0.88 -1.98
C ASP C 248 25.98 1.58 -3.04
N GLY C 249 26.62 2.36 -3.92
CA GLY C 249 25.87 3.04 -4.97
C GLY C 249 25.49 2.12 -6.10
N TYR C 250 26.28 1.06 -6.33
CA TYR C 250 26.02 0.16 -7.45
C TYR C 250 24.84 -0.75 -7.16
N VAL C 251 24.70 -1.19 -5.91
CA VAL C 251 23.56 -2.02 -5.54
C VAL C 251 22.29 -1.18 -5.45
N ARG C 252 22.42 0.10 -5.04
CA ARG C 252 21.25 0.95 -4.88
C ARG C 252 20.70 1.44 -6.22
N ARG C 253 21.54 1.45 -7.26
CA ARG C 253 21.14 1.99 -8.57
C ARG C 253 20.02 1.24 -9.28
N PRO C 254 19.91 -0.11 -9.28
CA PRO C 254 18.67 -0.70 -9.84
C PRO C 254 17.41 -0.47 -9.02
N PHE C 255 17.54 -0.08 -7.75
CA PHE C 255 16.34 0.18 -6.94
C PHE C 255 15.96 1.65 -6.94
N LEU C 256 16.90 2.55 -7.23
CA LEU C 256 16.59 3.97 -7.22
C LEU C 256 15.74 4.37 -8.43
N TYR C 257 16.03 3.79 -9.59
CA TYR C 257 15.20 4.02 -10.76
C TYR C 257 13.91 3.22 -10.68
N MET C 258 13.94 2.10 -9.94
CA MET C 258 12.73 1.35 -9.61
C MET C 258 11.81 2.18 -8.73
N GLY C 259 12.37 2.95 -7.79
CA GLY C 259 11.55 3.84 -6.99
C GLY C 259 11.08 5.05 -7.76
N ALA C 260 11.85 5.46 -8.78
CA ALA C 260 11.52 6.69 -9.49
C ALA C 260 10.46 6.47 -10.55
N LEU C 261 10.56 5.36 -11.29
CA LEU C 261 9.62 5.14 -12.41
C LEU C 261 8.25 4.70 -11.92
N TYR C 262 8.17 4.11 -10.72
CA TYR C 262 6.86 3.89 -10.11
C TYR C 262 6.28 5.20 -9.60
N GLY C 263 7.14 6.11 -9.13
CA GLY C 263 6.69 7.45 -8.80
C GLY C 263 6.30 8.25 -10.02
N LEU C 264 7.00 8.05 -11.13
CA LEU C 264 6.59 8.66 -12.41
C LEU C 264 5.31 8.01 -12.92
N GLY C 265 5.12 6.72 -12.65
CA GLY C 265 3.86 6.09 -12.98
C GLY C 265 2.76 6.48 -12.02
N ALA C 266 3.13 6.94 -10.82
CA ALA C 266 2.13 7.39 -9.86
C ALA C 266 1.49 8.70 -10.28
N GLY C 267 2.30 9.65 -10.78
CA GLY C 267 1.78 10.95 -11.14
C GLY C 267 0.91 10.92 -12.38
N ILE C 268 1.18 10.00 -13.30
CA ILE C 268 0.33 9.83 -14.48
C ILE C 268 -1.01 9.21 -14.09
N LEU C 269 -0.97 8.17 -13.25
CA LEU C 269 -2.21 7.51 -12.85
C LEU C 269 -2.98 8.32 -11.82
N SER C 270 -2.32 9.25 -11.13
CA SER C 270 -3.06 10.23 -10.32
C SER C 270 -3.76 11.23 -11.22
N TRP C 271 -3.15 11.55 -12.36
CA TRP C 271 -3.62 12.64 -13.22
C TRP C 271 -4.93 12.29 -13.92
N ALA C 272 -5.10 11.01 -14.27
CA ALA C 272 -6.31 10.60 -14.97
C ALA C 272 -7.49 10.50 -14.02
N LEU C 273 -7.25 10.13 -12.76
CA LEU C 273 -8.34 9.99 -11.81
C LEU C 273 -8.83 11.34 -11.30
N LEU C 274 -7.95 12.32 -11.16
CA LEU C 274 -8.40 13.65 -10.72
C LEU C 274 -9.13 14.38 -11.85
N ALA C 275 -8.70 14.17 -13.10
CA ALA C 275 -9.37 14.79 -14.23
C ALA C 275 -10.74 14.14 -14.47
N TYR C 276 -10.86 12.86 -14.15
CA TYR C 276 -12.16 12.20 -14.23
C TYR C 276 -13.07 12.64 -13.10
N SER C 277 -12.51 12.88 -11.92
CA SER C 277 -13.32 13.23 -10.74
C SER C 277 -13.83 14.66 -10.83
N LEU C 278 -12.98 15.59 -11.31
CA LEU C 278 -13.40 16.99 -11.40
C LEU C 278 -14.40 17.19 -12.53
N ASN C 279 -14.32 16.36 -13.58
CA ASN C 279 -15.32 16.42 -14.64
C ASN C 279 -16.63 15.79 -14.19
N TRP C 280 -16.55 14.85 -13.24
CA TRP C 280 -17.75 14.16 -12.77
C TRP C 280 -18.58 15.06 -11.86
N LEU C 281 -17.92 15.85 -11.02
CA LEU C 281 -18.61 16.66 -10.03
C LEU C 281 -18.87 18.10 -10.51
N ASN C 282 -18.45 18.44 -11.73
CA ASN C 282 -18.62 19.81 -12.21
C ASN C 282 -20.05 20.13 -12.59
N GLY C 283 -20.90 19.12 -12.80
CA GLY C 283 -22.27 19.39 -13.19
C GLY C 283 -23.12 19.89 -12.04
N SER C 284 -22.79 19.48 -10.82
CA SER C 284 -23.59 19.87 -9.66
C SER C 284 -23.30 21.31 -9.24
N VAL C 285 -22.04 21.73 -9.33
CA VAL C 285 -21.65 23.05 -8.85
C VAL C 285 -22.12 24.13 -9.83
N VAL C 286 -22.18 23.82 -11.13
CA VAL C 286 -22.67 24.80 -12.09
C VAL C 286 -24.20 24.86 -12.04
N ASN C 287 -24.84 23.80 -11.52
CA ASN C 287 -26.28 23.83 -11.33
C ASN C 287 -26.64 24.69 -10.11
N LEU C 288 -25.81 24.65 -9.08
CA LEU C 288 -26.05 25.46 -7.89
C LEU C 288 -25.74 26.94 -8.15
N SER C 289 -24.66 27.21 -8.87
CA SER C 289 -24.23 28.58 -9.09
C SER C 289 -25.12 29.29 -10.12
N GLY C 290 -25.61 28.54 -11.12
CA GLY C 290 -26.53 29.11 -12.08
C GLY C 290 -27.87 29.46 -11.47
N LEU C 291 -28.31 28.67 -10.49
CA LEU C 291 -29.49 29.02 -9.70
C LEU C 291 -29.20 30.18 -8.74
N TYR C 292 -27.94 30.36 -8.35
CA TYR C 292 -27.53 31.44 -7.48
C TYR C 292 -27.16 32.71 -8.25
N GLY C 293 -27.24 32.67 -9.56
CA GLY C 293 -26.83 33.81 -10.39
C GLY C 293 -25.35 34.07 -10.39
N SER C 294 -24.52 33.02 -10.43
CA SER C 294 -23.08 33.18 -10.43
C SER C 294 -22.47 32.20 -11.42
N ASP C 295 -21.29 32.57 -11.94
CA ASP C 295 -20.54 31.71 -12.86
C ASP C 295 -19.41 30.97 -12.12
N PHE C 296 -19.84 30.08 -11.23
CA PHE C 296 -18.93 29.31 -10.41
C PHE C 296 -19.00 27.84 -10.79
N GLY C 297 -17.84 27.19 -10.78
CA GLY C 297 -17.74 25.78 -11.08
C GLY C 297 -16.36 25.29 -10.72
N LEU C 298 -16.13 24.00 -10.98
CA LEU C 298 -14.83 23.42 -10.71
C LEU C 298 -13.84 23.83 -11.80
N GLN C 299 -12.75 24.48 -11.39
CA GLN C 299 -11.74 24.94 -12.33
C GLN C 299 -10.86 23.77 -12.77
N GLY C 300 -9.98 24.04 -13.73
CA GLY C 300 -9.04 23.06 -14.22
C GLY C 300 -7.83 22.92 -13.30
N VAL C 301 -6.85 22.17 -13.78
CA VAL C 301 -5.63 21.87 -13.03
C VAL C 301 -4.46 22.57 -13.72
N PRO C 302 -3.50 23.10 -12.98
CA PRO C 302 -2.40 23.84 -13.62
C PRO C 302 -1.31 22.91 -14.13
N LEU C 303 -0.49 23.46 -15.03
CA LEU C 303 0.70 22.74 -15.48
C LEU C 303 1.86 22.93 -14.52
N ASP C 304 1.94 24.08 -13.86
CA ASP C 304 3.02 24.32 -12.90
C ASP C 304 2.81 23.51 -11.62
N ASP C 305 1.56 23.40 -11.17
CA ASP C 305 1.26 22.51 -10.06
C ASP C 305 1.27 21.04 -10.50
N GLY C 306 1.03 20.81 -11.79
CA GLY C 306 1.10 19.46 -12.32
C GLY C 306 2.52 18.90 -12.35
N LEU C 307 3.49 19.75 -12.70
CA LEU C 307 4.89 19.33 -12.65
C LEU C 307 5.40 19.26 -11.23
N SER C 308 4.83 20.06 -10.32
CA SER C 308 5.23 20.03 -8.92
C SER C 308 4.69 18.78 -8.22
N LEU C 309 3.56 18.26 -8.70
CA LEU C 309 3.00 17.03 -8.12
C LEU C 309 3.83 15.81 -8.50
N THR C 310 4.35 15.79 -9.74
CA THR C 310 5.06 14.61 -10.23
C THR C 310 6.46 14.53 -9.63
N VAL C 311 7.11 15.69 -9.42
CA VAL C 311 8.46 15.70 -8.87
C VAL C 311 8.43 15.39 -7.37
N GLY C 312 7.28 15.61 -6.72
CA GLY C 312 7.11 15.15 -5.36
C GLY C 312 7.04 13.64 -5.26
N ALA C 313 6.44 12.98 -6.25
CA ALA C 313 6.38 11.53 -6.26
C ALA C 313 7.74 10.92 -6.62
N VAL C 314 8.54 11.64 -7.41
CA VAL C 314 9.88 11.18 -7.76
C VAL C 314 10.79 11.26 -6.54
N LEU C 315 10.72 12.38 -5.82
CA LEU C 315 11.62 12.60 -4.69
C LEU C 315 11.23 11.73 -3.49
N LEU C 316 9.94 11.40 -3.36
CA LEU C 316 9.50 10.55 -2.25
C LEU C 316 9.98 9.12 -2.44
N GLY C 317 9.95 8.62 -3.67
CA GLY C 317 10.52 7.30 -3.94
C GLY C 317 12.05 7.31 -3.90
N TRP C 318 12.64 8.47 -4.17
CA TRP C 318 14.11 8.59 -4.10
C TRP C 318 14.58 8.62 -2.66
N VAL C 319 13.88 9.38 -1.79
CA VAL C 319 14.23 9.43 -0.37
C VAL C 319 13.91 8.10 0.30
N GLY C 320 12.80 7.48 -0.10
CA GLY C 320 12.38 6.23 0.52
C GLY C 320 13.25 5.05 0.14
N ALA C 321 13.95 5.15 -1.00
CA ALA C 321 14.86 4.08 -1.40
C ALA C 321 16.17 4.14 -0.62
N TRP C 322 16.63 5.36 -0.30
CA TRP C 322 17.85 5.53 0.49
C TRP C 322 17.70 5.01 1.91
N LEU C 323 16.53 5.21 2.51
CA LEU C 323 16.31 4.72 3.87
C LEU C 323 16.01 3.24 3.89
N ALA C 324 15.60 2.68 2.74
CA ALA C 324 15.26 1.27 2.67
C ALA C 324 16.49 0.37 2.64
N VAL C 325 17.53 0.77 1.91
CA VAL C 325 18.67 -0.11 1.68
C VAL C 325 19.63 -0.09 2.87
N ALA C 326 19.49 0.88 3.77
CA ALA C 326 20.47 1.04 4.85
C ALA C 326 20.29 -0.02 5.94
N ARG C 327 19.10 -0.63 6.00
CA ARG C 327 18.89 -1.74 6.93
C ARG C 327 19.57 -3.01 6.43
N HIS C 328 19.48 -3.27 5.12
CA HIS C 328 20.00 -4.52 4.58
C HIS C 328 21.52 -4.50 4.44
N LEU C 329 22.11 -3.33 4.14
CA LEU C 329 23.56 -3.26 4.05
C LEU C 329 24.22 -3.31 5.42
N ARG C 330 23.52 -2.83 6.45
CA ARG C 330 24.02 -2.95 7.81
C ARG C 330 23.83 -4.36 8.38
N GLU C 331 22.92 -5.15 7.80
CA GLU C 331 22.73 -6.52 8.25
C GLU C 331 23.90 -7.40 7.84
N LEU C 332 24.45 -7.18 6.64
CA LEU C 332 25.61 -7.92 6.15
C LEU C 332 26.85 -7.02 6.08
N ALA C 333 27.02 -6.15 7.08
CA ALA C 333 28.18 -5.28 7.14
C ALA C 333 29.43 -6.10 7.49
N PRO C 334 30.60 -5.68 6.99
CA PRO C 334 31.84 -6.36 7.42
C PRO C 334 32.17 -6.20 8.89
N ARG C 335 31.83 -5.04 9.47
CA ARG C 335 31.99 -4.69 10.89
C ARG C 335 33.42 -4.84 11.42
N MET D 1 53.56 -12.55 3.15
CA MET D 1 52.61 -11.44 3.18
C MET D 1 51.22 -11.94 3.57
N ILE D 2 51.05 -13.26 3.57
CA ILE D 2 49.78 -13.92 3.82
C ILE D 2 49.90 -14.87 5.04
N ARG D 3 50.92 -14.64 5.86
CA ARG D 3 51.26 -15.57 6.94
C ARG D 3 50.25 -15.53 8.08
N PHE D 4 49.80 -16.71 8.48
CA PHE D 4 48.90 -16.87 9.62
C PHE D 4 49.72 -17.08 10.89
N GLU D 5 49.26 -16.48 11.99
CA GLU D 5 49.89 -16.67 13.28
C GLU D 5 48.86 -16.54 14.41
N GLN D 6 48.58 -17.68 15.05
CA GLN D 6 47.80 -17.80 16.30
C GLN D 6 46.37 -17.26 16.16
N VAL D 7 45.75 -17.52 15.02
CA VAL D 7 44.42 -17.02 14.72
C VAL D 7 43.44 -18.21 14.74
N GLY D 8 42.18 -17.90 15.07
CA GLY D 8 41.13 -18.90 15.11
C GLY D 8 39.79 -18.27 15.41
N LYS D 9 38.77 -18.64 14.64
CA LYS D 9 37.45 -18.01 14.77
C LYS D 9 36.60 -18.81 15.76
N ARG D 10 36.21 -18.17 16.85
CA ARG D 10 35.34 -18.78 17.82
C ARG D 10 33.87 -18.60 17.43
N TYR D 11 33.09 -19.66 17.61
CA TYR D 11 31.69 -19.60 17.24
C TYR D 11 30.81 -19.43 18.48
N PRO D 12 29.70 -18.70 18.38
CA PRO D 12 28.85 -18.50 19.57
C PRO D 12 28.05 -19.73 19.97
N ASN D 13 27.92 -20.73 19.10
CA ASN D 13 27.17 -21.92 19.43
C ASN D 13 28.04 -22.91 20.21
N GLY D 14 27.53 -24.13 20.38
CA GLY D 14 28.22 -25.14 21.17
C GLY D 14 29.40 -25.80 20.48
N HIS D 15 29.59 -25.57 19.19
CA HIS D 15 30.70 -26.14 18.44
C HIS D 15 31.50 -25.03 17.79
N VAL D 16 32.82 -25.09 17.92
CA VAL D 16 33.74 -24.17 17.28
C VAL D 16 34.51 -24.96 16.23
N GLY D 17 34.48 -24.47 14.98
CA GLY D 17 35.01 -25.24 13.87
C GLY D 17 36.52 -25.36 13.85
N LEU D 18 37.22 -24.26 14.11
CA LEU D 18 38.67 -24.23 14.01
C LEU D 18 39.27 -23.87 15.35
N HIS D 19 40.40 -24.49 15.68
CA HIS D 19 41.09 -24.25 16.93
C HIS D 19 42.28 -23.31 16.74
N GLU D 20 43.20 -23.68 15.84
CA GLU D 20 44.44 -22.93 15.67
C GLU D 20 44.98 -23.17 14.27
N VAL D 21 45.32 -22.10 13.57
CA VAL D 21 46.00 -22.19 12.26
C VAL D 21 47.14 -21.18 12.24
N SER D 22 48.31 -21.64 11.76
CA SER D 22 49.48 -20.77 11.64
C SER D 22 50.33 -21.32 10.49
N PHE D 23 50.30 -20.63 9.35
CA PHE D 23 50.99 -21.12 8.16
C PHE D 23 51.30 -19.93 7.26
N ARG D 24 52.34 -20.10 6.44
CA ARG D 24 52.71 -19.10 5.44
C ARG D 24 52.69 -19.74 4.06
N VAL D 25 52.10 -19.04 3.10
CA VAL D 25 51.98 -19.51 1.71
C VAL D 25 52.88 -18.65 0.84
N HIS D 26 53.78 -19.29 0.10
CA HIS D 26 54.67 -18.57 -0.80
C HIS D 26 53.92 -18.13 -2.05
N ARG D 27 54.40 -17.05 -2.66
CA ARG D 27 53.76 -16.48 -3.83
C ARG D 27 54.07 -17.32 -5.07
N GLY D 28 53.07 -17.46 -5.95
CA GLY D 28 53.26 -18.19 -7.18
C GLY D 28 53.27 -19.70 -7.01
N GLU D 29 52.63 -20.21 -5.96
CA GLU D 29 52.65 -21.63 -5.64
C GLU D 29 51.24 -22.21 -5.78
N ILE D 30 51.17 -23.43 -6.30
CA ILE D 30 49.90 -24.14 -6.41
C ILE D 30 49.62 -24.84 -5.09
N LEU D 31 48.47 -24.55 -4.49
CA LEU D 31 48.12 -25.05 -3.16
C LEU D 31 46.91 -25.96 -3.21
N PHE D 32 46.93 -26.97 -2.35
CA PHE D 32 45.82 -27.90 -2.20
C PHE D 32 45.64 -28.22 -0.72
N VAL D 33 44.38 -28.19 -0.27
CA VAL D 33 44.03 -28.52 1.10
C VAL D 33 43.03 -29.66 1.09
N THR D 34 43.02 -30.46 2.15
CA THR D 34 42.17 -31.63 2.23
C THR D 34 41.81 -31.91 3.68
N GLY D 35 40.80 -32.74 3.87
CA GLY D 35 40.37 -33.10 5.20
C GLY D 35 39.09 -33.92 5.14
N HIS D 36 38.58 -34.23 6.33
CA HIS D 36 37.35 -34.99 6.45
C HIS D 36 36.17 -34.04 6.64
N SER D 37 35.00 -34.58 6.97
CA SER D 37 33.78 -33.76 7.04
C SER D 37 33.79 -32.84 8.26
N GLY D 38 34.39 -33.29 9.36
CA GLY D 38 34.52 -32.44 10.54
C GLY D 38 35.62 -31.41 10.44
N ALA D 39 36.50 -31.53 9.45
CA ALA D 39 37.60 -30.59 9.29
C ALA D 39 37.10 -29.26 8.74
N GLY D 40 37.74 -28.17 9.18
CA GLY D 40 37.34 -26.85 8.73
C GLY D 40 38.33 -26.20 7.78
N LYS D 41 37.99 -26.13 6.50
CA LYS D 41 38.80 -25.43 5.52
C LYS D 41 38.03 -24.41 4.69
N SER D 42 36.71 -24.50 4.64
CA SER D 42 35.93 -23.47 3.95
C SER D 42 35.86 -22.20 4.79
N THR D 43 35.91 -22.35 6.11
CA THR D 43 36.07 -21.19 6.98
C THR D 43 37.49 -20.65 6.92
N LEU D 44 38.46 -21.49 6.55
CA LEU D 44 39.83 -21.03 6.39
C LEU D 44 39.98 -20.14 5.15
N LEU D 45 39.32 -20.51 4.06
CA LEU D 45 39.33 -19.66 2.88
C LEU D 45 38.43 -18.44 3.05
N ARG D 46 37.36 -18.56 3.85
CA ARG D 46 36.51 -17.41 4.14
C ARG D 46 37.18 -16.46 5.12
N LEU D 47 38.17 -16.94 5.88
CA LEU D 47 38.94 -16.09 6.78
C LEU D 47 39.79 -15.10 5.99
N ILE D 48 40.29 -15.50 4.81
CA ILE D 48 41.01 -14.59 3.94
C ILE D 48 40.07 -13.52 3.39
N LEU D 49 38.82 -13.90 3.11
CA LEU D 49 37.81 -12.90 2.75
C LEU D 49 37.42 -12.04 3.95
N ALA D 50 37.12 -12.70 5.09
CA ALA D 50 36.78 -12.08 6.39
C ALA D 50 35.57 -11.16 6.29
N MET D 51 34.42 -11.73 5.94
CA MET D 51 33.17 -11.01 6.09
C MET D 51 32.66 -11.01 7.53
N GLU D 52 33.23 -11.84 8.40
CA GLU D 52 33.10 -11.67 9.84
C GLU D 52 34.50 -11.71 10.46
N ARG D 53 34.60 -11.17 11.68
CA ARG D 53 35.90 -10.97 12.29
C ARG D 53 36.49 -12.30 12.79
N PRO D 54 37.81 -12.47 12.72
CA PRO D 54 38.43 -13.68 13.28
C PRO D 54 38.39 -13.74 14.80
N THR D 55 38.35 -12.59 15.48
CA THR D 55 38.20 -12.39 16.92
C THR D 55 39.30 -13.01 17.77
N SER D 56 40.43 -13.42 17.17
CA SER D 56 41.57 -13.95 17.89
C SER D 56 42.80 -13.83 17.01
N GLY D 57 43.91 -13.39 17.60
CA GLY D 57 45.19 -13.36 16.90
C GLY D 57 45.34 -12.20 15.94
N LYS D 58 46.47 -12.23 15.23
CA LYS D 58 46.83 -11.19 14.28
C LYS D 58 47.08 -11.83 12.92
N LEU D 59 46.46 -11.29 11.87
CA LEU D 59 46.63 -11.82 10.52
C LEU D 59 47.08 -10.67 9.63
N LEU D 60 47.87 -10.99 8.61
CA LEU D 60 48.46 -10.00 7.72
C LEU D 60 48.09 -10.28 6.27
N LEU D 61 47.72 -9.23 5.54
CA LEU D 61 47.54 -9.30 4.08
C LEU D 61 48.19 -8.06 3.47
N GLY D 62 49.49 -8.15 3.19
CA GLY D 62 50.19 -7.01 2.63
C GLY D 62 50.40 -5.90 3.66
N GLY D 63 50.26 -4.67 3.20
CA GLY D 63 50.42 -3.53 4.08
C GLY D 63 49.26 -3.36 5.05
N GLN D 64 48.03 -3.61 4.58
CA GLN D 64 46.85 -3.40 5.40
C GLN D 64 46.47 -4.69 6.12
N ASP D 65 46.40 -4.63 7.44
CA ASP D 65 46.09 -5.81 8.24
C ASP D 65 44.61 -6.18 8.14
N LEU D 66 44.34 -7.48 8.27
CA LEU D 66 42.97 -7.96 8.25
C LEU D 66 42.26 -7.66 9.56
N GLY D 67 42.98 -7.69 10.67
CA GLY D 67 42.40 -7.32 11.95
C GLY D 67 42.12 -5.84 12.02
N ARG D 68 40.94 -5.51 12.58
CA ARG D 68 40.33 -4.17 12.60
C ARG D 68 40.24 -3.58 11.18
N ILE D 69 39.45 -4.28 10.35
CA ILE D 69 39.23 -3.89 8.96
C ILE D 69 38.01 -2.97 8.91
N THR D 70 38.06 -1.97 8.04
CA THR D 70 36.99 -0.99 7.93
C THR D 70 36.14 -1.26 6.70
N THR D 71 34.92 -0.71 6.73
CA THR D 71 34.01 -0.83 5.60
C THR D 71 34.47 0.01 4.42
N ALA D 72 35.09 1.16 4.68
CA ALA D 72 35.53 2.06 3.62
C ALA D 72 36.78 1.57 2.89
N GLN D 73 37.49 0.58 3.42
CA GLN D 73 38.68 0.05 2.78
C GLN D 73 38.50 -1.37 2.26
N ILE D 74 37.48 -2.10 2.73
CA ILE D 74 37.26 -3.47 2.25
C ILE D 74 36.93 -3.64 0.76
N PRO D 75 36.05 -2.83 0.10
CA PRO D 75 35.66 -3.27 -1.26
C PRO D 75 36.70 -2.96 -2.34
N PHE D 76 37.75 -2.20 -2.01
CA PHE D 76 38.91 -2.14 -2.89
C PHE D 76 39.66 -3.46 -2.89
N LEU D 77 39.71 -4.13 -1.72
CA LEU D 77 40.35 -5.44 -1.64
C LEU D 77 39.47 -6.52 -2.24
N ARG D 78 38.14 -6.36 -2.16
CA ARG D 78 37.24 -7.37 -2.68
C ARG D 78 37.15 -7.33 -4.21
N ARG D 79 37.31 -6.16 -4.81
CA ARG D 79 37.17 -6.03 -6.25
C ARG D 79 38.39 -6.51 -7.02
N GLN D 80 39.54 -6.68 -6.36
CA GLN D 80 40.74 -7.18 -7.01
C GLN D 80 40.91 -8.68 -6.86
N ILE D 81 40.01 -9.34 -6.12
CA ILE D 81 40.07 -10.78 -5.87
C ILE D 81 38.80 -11.41 -6.41
N GLY D 82 38.95 -12.43 -7.26
CA GLY D 82 37.83 -13.13 -7.83
C GLY D 82 37.60 -14.46 -7.14
N VAL D 83 36.49 -14.54 -6.40
CA VAL D 83 36.16 -15.71 -5.59
C VAL D 83 34.84 -16.29 -6.07
N VAL D 84 34.82 -17.59 -6.32
CA VAL D 84 33.61 -18.33 -6.59
C VAL D 84 33.47 -19.34 -5.46
N PHE D 85 32.23 -19.73 -5.15
CA PHE D 85 31.95 -20.56 -4.00
C PHE D 85 30.96 -21.66 -4.37
N GLN D 86 30.91 -22.70 -3.52
CA GLN D 86 30.26 -23.95 -3.87
C GLN D 86 28.74 -23.85 -3.87
N ASN D 87 28.17 -22.99 -3.02
CA ASN D 87 26.72 -22.78 -3.01
C ASN D 87 26.37 -21.96 -4.24
N HIS D 88 26.17 -22.67 -5.35
CA HIS D 88 26.16 -22.05 -6.68
C HIS D 88 24.86 -21.31 -6.92
N GLN D 89 24.97 -19.98 -7.04
CA GLN D 89 23.86 -19.10 -7.37
C GLN D 89 24.38 -18.02 -8.31
N LEU D 90 23.47 -17.49 -9.13
CA LEU D 90 23.82 -16.48 -10.11
C LEU D 90 22.57 -15.63 -10.32
N LEU D 91 22.69 -14.59 -11.14
CA LEU D 91 21.58 -13.67 -11.43
C LEU D 91 20.52 -14.41 -12.24
N THR D 92 19.42 -14.77 -11.57
CA THR D 92 18.32 -15.49 -12.18
C THR D 92 17.59 -14.57 -13.15
N ASP D 93 17.16 -15.16 -14.29
CA ASP D 93 16.39 -14.52 -15.36
C ASP D 93 17.16 -13.38 -16.02
N ARG D 94 18.42 -13.64 -16.34
CA ARG D 94 19.24 -12.76 -17.17
C ARG D 94 20.01 -13.63 -18.15
N THR D 95 20.83 -12.99 -18.98
CA THR D 95 21.75 -13.75 -19.82
C THR D 95 22.99 -14.12 -19.03
N VAL D 96 23.79 -15.05 -19.59
CA VAL D 96 25.06 -15.39 -18.96
C VAL D 96 26.20 -14.51 -19.47
N ALA D 97 25.94 -13.61 -20.41
CA ALA D 97 26.99 -12.74 -20.94
C ALA D 97 27.38 -11.67 -19.91
N ASP D 98 26.39 -11.04 -19.28
CA ASP D 98 26.71 -10.00 -18.31
C ASP D 98 27.06 -10.59 -16.94
N ASN D 99 26.74 -11.86 -16.70
CA ASN D 99 27.13 -12.52 -15.46
C ASN D 99 28.63 -12.73 -15.40
N ILE D 100 29.24 -13.07 -16.54
CA ILE D 100 30.70 -13.07 -16.65
C ILE D 100 31.24 -11.66 -16.55
N ALA D 101 30.51 -10.70 -17.15
CA ALA D 101 30.92 -9.31 -17.19
C ALA D 101 30.54 -8.52 -15.94
N LEU D 102 30.13 -9.19 -14.86
CA LEU D 102 29.74 -8.50 -13.62
C LEU D 102 30.84 -7.67 -12.96
N PRO D 103 32.10 -8.11 -12.79
CA PRO D 103 33.09 -7.18 -12.22
C PRO D 103 33.66 -6.19 -13.22
N LEU D 104 33.31 -6.31 -14.50
CA LEU D 104 33.92 -5.46 -15.52
C LEU D 104 33.31 -4.06 -15.52
N GLN D 105 32.03 -3.95 -15.14
CA GLN D 105 31.48 -2.61 -14.91
C GLN D 105 31.97 -2.03 -13.59
N ILE D 106 32.36 -2.89 -12.65
CA ILE D 106 32.84 -2.42 -11.34
C ILE D 106 34.20 -1.75 -11.50
N LEU D 107 35.12 -2.40 -12.21
CA LEU D 107 36.42 -1.79 -12.50
C LEU D 107 36.29 -0.70 -13.57
N GLY D 108 35.53 -0.98 -14.62
CA GLY D 108 35.25 0.02 -15.64
C GLY D 108 36.09 -0.14 -16.89
N MET D 109 35.52 -0.76 -17.91
CA MET D 109 36.16 -0.98 -19.20
C MET D 109 35.21 -0.54 -20.31
N PRO D 110 35.73 -0.06 -21.43
CA PRO D 110 34.86 0.29 -22.56
C PRO D 110 34.26 -0.94 -23.24
N LYS D 111 33.20 -0.69 -24.00
CA LYS D 111 32.34 -1.75 -24.54
C LYS D 111 32.97 -2.73 -25.53
N PRO D 112 33.77 -2.35 -26.57
CA PRO D 112 34.11 -3.37 -27.60
C PRO D 112 35.09 -4.47 -27.16
N GLU D 113 35.69 -4.36 -25.97
CA GLU D 113 36.48 -5.48 -25.47
C GLU D 113 35.73 -6.33 -24.44
N ILE D 114 34.49 -5.97 -24.11
CA ILE D 114 33.70 -6.77 -23.17
C ILE D 114 33.29 -8.09 -23.82
N ALA D 115 32.81 -8.04 -25.07
CA ALA D 115 32.22 -9.21 -25.70
C ALA D 115 33.28 -10.20 -26.15
N LYS D 116 34.47 -9.71 -26.56
CA LYS D 116 35.50 -10.62 -27.04
C LYS D 116 36.20 -11.34 -25.90
N ARG D 117 36.16 -10.79 -24.69
CA ARG D 117 36.74 -11.48 -23.54
C ARG D 117 35.83 -12.60 -23.06
N VAL D 118 34.54 -12.52 -23.38
CA VAL D 118 33.60 -13.60 -23.05
C VAL D 118 33.90 -14.81 -23.93
N ALA D 119 34.06 -14.59 -25.24
CA ALA D 119 34.23 -15.72 -26.16
C ALA D 119 35.62 -16.31 -26.09
N SER D 120 36.61 -15.51 -25.69
CA SER D 120 37.98 -16.01 -25.60
C SER D 120 38.17 -16.91 -24.39
N ALA D 121 37.40 -16.68 -23.32
CA ALA D 121 37.52 -17.51 -22.13
C ALA D 121 36.59 -18.72 -22.18
N LEU D 122 35.55 -18.67 -23.03
CA LEU D 122 34.55 -19.72 -23.05
C LEU D 122 34.98 -20.92 -23.89
N GLU D 123 36.09 -20.82 -24.61
CA GLU D 123 36.51 -21.90 -25.50
C GLU D 123 37.08 -23.08 -24.72
N ARG D 124 37.67 -22.82 -23.55
CA ARG D 124 38.14 -23.92 -22.71
C ARG D 124 37.02 -24.52 -21.87
N VAL D 125 35.86 -23.86 -21.83
CA VAL D 125 34.72 -24.35 -21.05
C VAL D 125 33.89 -25.33 -21.88
N ASN D 126 34.09 -25.35 -23.20
CA ASN D 126 33.27 -26.08 -24.19
C ASN D 126 31.79 -25.68 -24.08
N LEU D 127 31.53 -24.38 -24.04
CA LEU D 127 30.18 -23.81 -24.11
C LEU D 127 30.06 -22.84 -25.28
N LYS D 128 30.54 -23.25 -26.45
CA LYS D 128 30.30 -22.46 -27.66
C LYS D 128 28.86 -22.59 -28.14
N GLU D 129 28.17 -23.68 -27.77
CA GLU D 129 26.78 -23.84 -28.17
C GLU D 129 25.86 -22.94 -27.35
N LYS D 130 26.23 -22.62 -26.11
CA LYS D 130 25.44 -21.75 -25.24
C LYS D 130 26.37 -20.64 -24.72
N GLY D 131 26.34 -19.49 -25.40
CA GLY D 131 27.14 -18.36 -25.00
C GLY D 131 26.30 -17.25 -24.41
N GLU D 132 25.04 -17.17 -24.81
CA GLU D 132 24.11 -16.15 -24.31
C GLU D 132 22.77 -16.82 -24.03
N ALA D 133 22.59 -17.28 -22.80
CA ALA D 133 21.35 -17.95 -22.38
C ALA D 133 21.17 -17.72 -20.90
N LEU D 134 20.09 -18.28 -20.35
CA LEU D 134 19.78 -18.15 -18.94
C LEU D 134 20.71 -19.05 -18.11
N PRO D 135 20.97 -18.67 -16.85
CA PRO D 135 21.66 -19.61 -15.94
C PRO D 135 20.87 -20.87 -15.66
N SER D 136 19.53 -20.80 -15.67
CA SER D 136 18.72 -22.00 -15.56
C SER D 136 18.70 -22.81 -16.85
N ASP D 137 19.07 -22.20 -17.98
CA ASP D 137 19.16 -22.93 -19.23
C ASP D 137 20.41 -23.83 -19.26
N LEU D 138 21.44 -23.47 -18.51
CA LEU D 138 22.65 -24.26 -18.45
C LEU D 138 22.45 -25.54 -17.66
N SER D 139 23.38 -26.48 -17.83
CA SER D 139 23.40 -27.69 -17.04
C SER D 139 23.82 -27.40 -15.61
N THR D 140 23.56 -28.38 -14.73
CA THR D 140 24.08 -28.28 -13.36
C THR D 140 25.59 -28.47 -13.34
N GLY D 141 26.14 -29.20 -14.31
CA GLY D 141 27.58 -29.25 -14.45
C GLY D 141 28.17 -28.03 -15.12
N GLN D 142 27.38 -27.41 -16.01
CA GLN D 142 27.90 -26.31 -16.82
C GLN D 142 28.03 -25.02 -16.01
N GLN D 143 27.19 -24.85 -14.99
CA GLN D 143 27.14 -23.56 -14.30
C GLN D 143 28.28 -23.40 -13.29
N GLN D 144 28.95 -24.49 -12.90
CA GLN D 144 30.17 -24.31 -12.10
C GLN D 144 31.31 -23.78 -12.96
N ARG D 145 31.49 -24.33 -14.16
CA ARG D 145 32.61 -23.92 -14.99
C ARG D 145 32.35 -22.59 -15.67
N VAL D 146 31.10 -22.11 -15.67
CA VAL D 146 30.83 -20.70 -15.93
C VAL D 146 31.43 -19.85 -14.82
N GLY D 147 31.23 -20.27 -13.57
CA GLY D 147 31.81 -19.53 -12.44
C GLY D 147 33.31 -19.69 -12.34
N ILE D 148 33.84 -20.81 -12.84
CA ILE D 148 35.29 -20.96 -12.99
C ILE D 148 35.79 -19.99 -14.07
N ALA D 149 35.04 -19.85 -15.16
CA ALA D 149 35.42 -18.92 -16.22
C ALA D 149 35.22 -17.47 -15.78
N ARG D 150 34.39 -17.23 -14.77
CA ARG D 150 34.30 -15.91 -14.16
C ARG D 150 35.60 -15.55 -13.46
N ALA D 151 36.26 -16.54 -12.84
CA ALA D 151 37.53 -16.28 -12.18
C ALA D 151 38.68 -16.16 -13.18
N ILE D 152 38.52 -16.72 -14.38
CA ILE D 152 39.54 -16.62 -15.41
C ILE D 152 39.58 -15.20 -15.98
N VAL D 153 38.42 -14.58 -16.15
CA VAL D 153 38.30 -13.30 -16.84
C VAL D 153 38.89 -12.15 -15.99
N HIS D 154 39.47 -11.16 -16.67
CA HIS D 154 40.23 -9.95 -16.28
C HIS D 154 41.44 -10.22 -15.39
N GLN D 155 41.88 -11.48 -15.23
CA GLN D 155 43.12 -11.93 -14.58
C GLN D 155 43.34 -11.37 -13.17
N PRO D 156 42.63 -11.88 -12.16
CA PRO D 156 42.79 -11.33 -10.81
C PRO D 156 44.15 -11.62 -10.21
N ALA D 157 44.63 -10.69 -9.38
CA ALA D 157 45.95 -10.84 -8.76
C ALA D 157 45.96 -11.94 -7.71
N LEU D 158 44.85 -12.08 -6.98
CA LEU D 158 44.67 -13.17 -6.03
C LEU D 158 43.43 -13.96 -6.43
N LEU D 159 43.56 -15.28 -6.44
CA LEU D 159 42.45 -16.17 -6.77
C LEU D 159 42.25 -17.14 -5.61
N LEU D 160 40.98 -17.38 -5.27
CA LEU D 160 40.63 -18.29 -4.19
C LEU D 160 39.88 -19.52 -4.67
N ALA D 161 38.84 -19.31 -5.49
CA ALA D 161 37.92 -20.31 -6.04
C ALA D 161 37.28 -21.16 -4.94
N ASP D 162 36.97 -22.41 -5.26
CA ASP D 162 36.24 -23.29 -4.35
C ASP D 162 36.70 -24.71 -4.62
N GLN D 163 35.89 -25.68 -4.23
CA GLN D 163 36.05 -27.07 -4.65
C GLN D 163 35.57 -27.25 -6.09
N PRO D 164 36.46 -27.47 -7.06
CA PRO D 164 36.00 -27.67 -8.44
C PRO D 164 35.69 -29.12 -8.72
N THR D 165 35.29 -29.41 -9.98
CA THR D 165 34.84 -30.72 -10.47
C THR D 165 33.72 -31.29 -9.59
N GLY D 166 32.82 -30.41 -9.15
CA GLY D 166 31.68 -30.86 -8.38
C GLY D 166 30.73 -31.68 -9.22
N ASN D 167 30.51 -31.25 -10.47
CA ASN D 167 29.75 -31.99 -11.46
C ASN D 167 30.45 -31.95 -12.82
N LEU D 168 31.75 -32.22 -12.86
CA LEU D 168 32.47 -32.30 -14.13
C LEU D 168 33.09 -33.69 -14.28
N ASP D 169 33.21 -34.12 -15.54
CA ASP D 169 33.79 -35.41 -15.92
C ASP D 169 35.24 -35.52 -15.43
N PRO D 170 35.70 -36.72 -15.07
CA PRO D 170 37.13 -36.89 -14.75
C PRO D 170 38.05 -36.70 -15.96
N ARG D 171 37.56 -36.97 -17.16
CA ARG D 171 38.32 -36.63 -18.36
C ARG D 171 38.39 -35.11 -18.52
N LEU D 172 37.25 -34.42 -18.40
CA LEU D 172 37.22 -32.98 -18.64
C LEU D 172 37.76 -32.20 -17.44
N ALA D 173 38.04 -32.88 -16.32
CA ALA D 173 38.71 -32.26 -15.19
C ALA D 173 40.16 -31.92 -15.53
N SER D 174 40.80 -32.75 -16.37
CA SER D 174 42.24 -32.60 -16.64
C SER D 174 42.54 -31.33 -17.44
N GLU D 175 41.56 -30.87 -18.21
CA GLU D 175 41.68 -29.56 -18.85
C GLU D 175 41.42 -28.38 -17.93
N ILE D 176 40.60 -28.50 -16.87
CA ILE D 176 40.41 -27.30 -16.05
C ILE D 176 41.57 -27.12 -15.07
N MET D 177 42.13 -28.21 -14.53
CA MET D 177 43.31 -28.03 -13.67
C MET D 177 44.56 -27.75 -14.49
N GLY D 178 44.54 -28.07 -15.78
CA GLY D 178 45.60 -27.60 -16.67
C GLY D 178 45.54 -26.11 -16.91
N VAL D 179 44.35 -25.52 -16.76
CA VAL D 179 44.21 -24.07 -16.89
C VAL D 179 44.84 -23.35 -15.69
N PHE D 180 44.80 -23.97 -14.50
CA PHE D 180 45.22 -23.25 -13.29
C PHE D 180 46.74 -23.06 -13.19
N GLU D 181 47.57 -23.82 -13.93
CA GLU D 181 48.96 -23.39 -13.97
C GLU D 181 49.19 -22.36 -15.08
N ASP D 182 48.31 -22.33 -16.07
CA ASP D 182 48.43 -21.33 -17.13
C ASP D 182 48.05 -19.94 -16.61
N ILE D 183 47.11 -19.87 -15.68
CA ILE D 183 46.78 -18.60 -15.05
C ILE D 183 47.69 -18.29 -13.85
N ASN D 184 48.43 -19.29 -13.35
CA ASN D 184 49.43 -19.07 -12.31
C ASN D 184 50.84 -19.05 -12.87
N ARG D 185 51.01 -18.97 -14.19
CA ARG D 185 52.34 -18.81 -14.77
C ARG D 185 52.93 -17.45 -14.45
N LEU D 186 52.10 -16.43 -14.26
CA LEU D 186 52.52 -15.14 -13.74
C LEU D 186 52.25 -15.11 -12.24
N GLY D 187 52.44 -13.94 -11.62
CA GLY D 187 52.43 -13.82 -10.18
C GLY D 187 51.07 -13.76 -9.52
N THR D 188 50.38 -14.90 -9.41
CA THR D 188 49.11 -14.98 -8.68
C THR D 188 49.21 -16.03 -7.58
N THR D 189 48.10 -16.24 -6.90
CA THR D 189 47.98 -17.23 -5.84
C THR D 189 46.79 -18.14 -6.15
N VAL D 190 46.99 -19.46 -6.04
CA VAL D 190 45.98 -20.45 -6.37
C VAL D 190 45.76 -21.32 -5.15
N LEU D 191 44.51 -21.39 -4.67
CA LEU D 191 44.14 -22.11 -3.45
C LEU D 191 42.98 -23.08 -3.73
N ILE D 192 43.16 -23.94 -4.73
CA ILE D 192 42.16 -24.96 -5.04
C ILE D 192 42.07 -26.00 -3.92
N ALA D 193 40.88 -26.13 -3.36
CA ALA D 193 40.58 -27.20 -2.40
C ALA D 193 40.07 -28.41 -3.16
N SER D 194 40.67 -29.57 -2.89
CA SER D 194 40.28 -30.81 -3.54
C SER D 194 40.34 -31.96 -2.55
N HIS D 195 39.63 -33.03 -2.88
CA HIS D 195 39.57 -34.22 -2.04
C HIS D 195 39.94 -35.52 -2.74
N ASP D 196 39.92 -35.58 -4.07
CA ASP D 196 40.30 -36.79 -4.78
C ASP D 196 41.82 -36.90 -4.78
N LEU D 197 42.35 -37.85 -4.01
CA LEU D 197 43.80 -38.02 -3.88
C LEU D 197 44.45 -38.61 -5.13
N ALA D 198 43.67 -39.20 -6.04
CA ALA D 198 44.25 -39.81 -7.23
C ALA D 198 44.72 -38.75 -8.22
N LEU D 199 43.96 -37.68 -8.41
CA LEU D 199 44.28 -36.69 -9.42
C LEU D 199 45.15 -35.55 -8.89
N ILE D 200 45.39 -35.47 -7.58
CA ILE D 200 46.20 -34.40 -7.01
C ILE D 200 47.56 -34.92 -6.56
N ALA D 201 47.90 -36.17 -6.90
CA ALA D 201 49.20 -36.73 -6.59
C ALA D 201 50.09 -36.83 -7.84
N ARG D 202 49.96 -35.88 -8.76
CA ARG D 202 50.69 -35.93 -10.03
C ARG D 202 51.91 -35.02 -10.01
N MET D 203 51.70 -33.73 -9.74
CA MET D 203 52.76 -32.74 -9.74
C MET D 203 52.87 -32.08 -8.36
N ARG D 204 53.64 -31.00 -8.29
CA ARG D 204 54.02 -30.40 -7.02
C ARG D 204 52.83 -29.74 -6.33
N HIS D 205 52.44 -30.30 -5.19
CA HIS D 205 51.33 -29.81 -4.38
C HIS D 205 51.77 -29.82 -2.91
N ARG D 206 51.35 -28.79 -2.16
CA ARG D 206 51.79 -28.71 -0.77
C ARG D 206 51.04 -29.69 0.13
N MET D 207 49.77 -29.96 -0.20
CA MET D 207 48.92 -31.01 0.39
C MET D 207 48.72 -30.83 1.90
N LEU D 208 48.07 -29.73 2.26
CA LEU D 208 47.72 -29.48 3.65
C LEU D 208 46.56 -30.37 4.05
N THR D 209 46.67 -31.02 5.21
CA THR D 209 45.63 -31.92 5.70
C THR D 209 45.08 -31.38 7.00
N LEU D 210 43.75 -31.45 7.16
CA LEU D 210 43.05 -30.92 8.31
C LEU D 210 42.21 -32.00 8.97
N GLN D 211 42.20 -32.01 10.30
CA GLN D 211 41.21 -32.79 11.04
C GLN D 211 40.79 -32.01 12.29
N ARG D 212 39.55 -31.50 12.25
CA ARG D 212 38.88 -30.78 13.35
C ARG D 212 39.68 -29.55 13.80
N GLY D 213 40.20 -28.80 12.85
CA GLY D 213 40.94 -27.59 13.15
C GLY D 213 42.42 -27.77 13.41
N ARG D 214 42.95 -28.99 13.28
CA ARG D 214 44.37 -29.25 13.48
C ARG D 214 45.08 -29.01 12.15
N ILE D 215 45.82 -27.90 12.07
CA ILE D 215 46.47 -27.52 10.81
C ILE D 215 47.68 -28.41 10.53
N ILE D 216 48.41 -28.80 11.58
CA ILE D 216 49.68 -29.51 11.42
C ILE D 216 49.35 -31.00 11.35
N ALA D 217 49.15 -31.50 10.13
CA ALA D 217 48.92 -32.92 9.91
C ALA D 217 49.72 -33.49 8.75
N ASP D 218 50.32 -32.66 7.89
CA ASP D 218 51.10 -33.14 6.77
C ASP D 218 52.27 -32.17 6.54
N ARG D 219 53.31 -32.68 5.89
CA ARG D 219 54.49 -31.89 5.60
C ARG D 219 54.32 -31.17 4.27
N GLU D 220 55.43 -30.63 3.73
CA GLU D 220 55.36 -29.86 2.49
C GLU D 220 55.10 -30.75 1.28
N ASP D 221 55.59 -32.01 1.34
CA ASP D 221 55.34 -33.08 0.35
C ASP D 221 55.80 -32.69 -1.05
N GLU D 222 56.92 -31.98 -1.14
CA GLU D 222 57.42 -31.49 -2.41
C GLU D 222 58.50 -32.41 -2.98
N ASP E 70 -69.32 70.78 7.55
CA ASP E 70 -69.48 71.16 8.94
C ASP E 70 -68.24 70.78 9.74
N GLY E 71 -68.43 70.25 10.94
CA GLY E 71 -67.34 69.84 11.79
C GLY E 71 -66.81 68.44 11.55
N GLU E 72 -67.38 67.72 10.58
CA GLU E 72 -66.96 66.35 10.33
C GLU E 72 -65.79 66.27 9.35
N LYS E 73 -65.39 67.40 8.77
CA LYS E 73 -64.31 67.38 7.78
C LYS E 73 -62.94 67.42 8.43
N LYS E 74 -62.84 67.95 9.66
CA LYS E 74 -61.61 67.82 10.44
C LYS E 74 -61.46 66.45 11.07
N LYS E 75 -62.56 65.73 11.32
CA LYS E 75 -62.42 64.43 12.01
C LYS E 75 -62.04 63.30 11.05
N LEU E 76 -62.00 63.55 9.74
CA LEU E 76 -61.48 62.57 8.79
C LEU E 76 -60.06 62.89 8.35
N GLN E 77 -59.68 64.16 8.28
CA GLN E 77 -58.35 64.51 7.78
C GLN E 77 -57.27 64.26 8.85
N ASP E 78 -57.63 64.34 10.13
CA ASP E 78 -56.68 63.96 11.17
C ASP E 78 -56.51 62.45 11.25
N ALA E 79 -57.57 61.71 10.92
CA ALA E 79 -57.47 60.26 10.82
C ALA E 79 -56.68 59.85 9.57
N ARG E 80 -56.70 60.71 8.55
CA ARG E 80 -55.97 60.41 7.32
C ARG E 80 -54.47 60.58 7.51
N ILE E 81 -54.06 61.58 8.30
CA ILE E 81 -52.64 61.88 8.41
C ILE E 81 -51.97 60.98 9.45
N GLU E 82 -52.75 60.43 10.39
CA GLU E 82 -52.15 59.52 11.36
C GLU E 82 -51.93 58.14 10.75
N GLN E 83 -52.83 57.70 9.85
CA GLN E 83 -52.62 56.43 9.18
C GLN E 83 -51.57 56.55 8.08
N GLN E 84 -51.34 57.76 7.57
CA GLN E 84 -50.21 58.00 6.69
C GLN E 84 -48.91 57.89 7.46
N ARG E 85 -48.91 58.33 8.72
CA ARG E 85 -47.78 58.09 9.60
C ARG E 85 -47.66 56.62 9.97
N LEU E 86 -48.80 55.95 10.19
CA LEU E 86 -48.79 54.54 10.57
C LEU E 86 -48.36 53.65 9.41
N LEU E 87 -48.72 54.01 8.18
CA LEU E 87 -48.26 53.24 7.03
C LEU E 87 -46.79 53.51 6.73
N ALA E 88 -46.31 54.70 7.11
CA ALA E 88 -44.90 55.02 6.93
C ALA E 88 -44.02 54.23 7.89
N ILE E 89 -44.49 54.05 9.13
CA ILE E 89 -43.76 53.24 10.11
C ILE E 89 -43.83 51.76 9.72
N GLN E 90 -44.99 51.31 9.23
CA GLN E 90 -45.19 49.93 8.84
C GLN E 90 -44.32 49.55 7.63
N ALA E 91 -44.24 50.44 6.64
CA ALA E 91 -43.40 50.17 5.47
C ALA E 91 -41.92 50.28 5.81
N ARG E 92 -41.59 51.10 6.82
CA ARG E 92 -40.22 51.10 7.34
C ARG E 92 -39.93 49.82 8.10
N ALA E 93 -40.92 49.33 8.87
CA ALA E 93 -40.75 48.05 9.57
C ALA E 93 -40.85 46.88 8.61
N ALA E 94 -41.51 47.07 7.46
CA ALA E 94 -41.51 46.03 6.44
C ALA E 94 -40.16 45.92 5.74
N TYR E 95 -39.37 47.00 5.78
CA TYR E 95 -38.08 46.99 5.12
C TYR E 95 -37.01 46.36 6.01
N GLN E 96 -37.31 46.17 7.30
CA GLN E 96 -36.38 45.49 8.20
C GLN E 96 -36.42 43.98 7.99
N SER E 97 -37.57 43.36 8.27
CA SER E 97 -37.72 41.92 8.05
C SER E 97 -38.34 41.63 6.68
N GLY E 98 -37.73 42.20 5.64
CA GLY E 98 -38.07 41.95 4.27
C GLY E 98 -36.81 41.92 3.44
N ARG E 99 -35.68 42.08 4.12
CA ARG E 99 -34.37 42.12 3.50
C ARG E 99 -33.45 41.00 3.92
N GLU E 100 -33.86 40.15 4.86
CA GLU E 100 -32.98 39.09 5.35
C GLU E 100 -32.90 37.96 4.34
N GLU E 101 -31.67 37.57 4.00
CA GLU E 101 -31.45 36.50 3.05
C GLU E 101 -31.76 35.15 3.70
N TYR E 102 -31.88 34.12 2.85
CA TYR E 102 -32.23 32.79 3.34
C TYR E 102 -31.01 31.97 3.76
N LEU E 103 -29.81 32.54 3.69
CA LEU E 103 -28.67 31.91 4.34
C LEU E 103 -28.64 32.26 5.83
N LYS E 104 -29.40 33.29 6.23
CA LYS E 104 -29.66 33.54 7.64
C LYS E 104 -30.59 32.48 8.24
N LEU E 105 -31.36 31.78 7.40
CA LEU E 105 -32.05 30.57 7.82
C LEU E 105 -31.04 29.43 8.01
N LEU E 106 -31.53 28.31 8.57
CA LEU E 106 -30.75 27.20 9.13
C LEU E 106 -29.80 27.67 10.24
N LEU E 107 -30.15 28.74 10.96
CA LEU E 107 -29.17 29.49 11.72
C LEU E 107 -29.94 30.42 12.66
N ASN E 108 -29.23 30.93 13.68
CA ASN E 108 -29.69 31.92 14.67
C ASN E 108 -30.90 31.49 15.49
N GLN E 109 -31.05 30.18 15.75
CA GLN E 109 -32.06 29.59 16.67
C GLN E 109 -33.50 29.92 16.28
N GLU E 110 -33.75 30.13 14.99
CA GLU E 110 -35.06 30.52 14.51
C GLU E 110 -35.58 29.50 13.51
N HIS E 111 -36.84 29.14 13.66
CA HIS E 111 -37.49 28.16 12.79
C HIS E 111 -37.66 28.75 11.40
N PRO E 112 -37.45 27.96 10.34
CA PRO E 112 -37.46 28.51 8.97
C PRO E 112 -38.81 29.05 8.49
N GLU E 113 -39.91 28.72 9.16
CA GLU E 113 -41.17 29.39 8.91
C GLU E 113 -41.12 30.86 9.34
N LYS E 114 -40.39 31.17 10.40
CA LYS E 114 -40.05 32.56 10.70
C LYS E 114 -39.00 33.04 9.70
N PHE E 115 -38.98 34.37 9.50
CA PHE E 115 -38.23 35.16 8.51
C PHE E 115 -38.67 34.87 7.06
N SER E 116 -39.74 34.09 6.85
CA SER E 116 -40.29 33.83 5.54
C SER E 116 -41.78 34.11 5.46
N ARG E 117 -42.51 34.00 6.57
CA ARG E 117 -43.90 34.39 6.60
C ARG E 117 -44.10 35.85 7.03
N THR E 118 -43.01 36.57 7.32
CA THR E 118 -43.15 37.97 7.71
C THR E 118 -43.57 38.84 6.53
N LEU E 119 -42.97 38.59 5.36
CA LEU E 119 -43.30 39.36 4.15
C LEU E 119 -44.71 39.06 3.66
N THR E 120 -45.18 37.83 3.88
CA THR E 120 -46.56 37.52 3.51
C THR E 120 -47.53 38.05 4.56
N TYR E 121 -47.07 38.25 5.80
CA TYR E 121 -47.86 39.02 6.76
C TYR E 121 -47.81 40.51 6.45
N TYR E 122 -46.78 40.96 5.73
CA TYR E 122 -46.73 42.35 5.29
C TYR E 122 -47.70 42.57 4.13
N ASP E 123 -48.07 41.51 3.42
CA ASP E 123 -49.19 41.57 2.49
C ASP E 123 -50.50 41.78 3.25
N TYR E 124 -50.65 41.09 4.39
CA TYR E 124 -51.93 41.03 5.08
C TYR E 124 -52.25 42.34 5.79
N ILE E 125 -51.22 43.02 6.32
CA ILE E 125 -51.47 44.32 6.95
C ILE E 125 -51.68 45.38 5.87
N ASN E 126 -51.10 45.19 4.68
CA ASN E 126 -51.27 46.15 3.61
C ASN E 126 -52.65 46.04 2.97
N LYS E 127 -53.16 44.80 2.82
CA LYS E 127 -54.47 44.63 2.19
C LYS E 127 -55.60 45.00 3.13
N ALA E 128 -55.38 44.89 4.43
CA ALA E 128 -56.45 45.17 5.40
C ALA E 128 -56.69 46.67 5.53
N ARG E 129 -55.66 47.49 5.35
CA ARG E 129 -55.81 48.93 5.40
C ARG E 129 -56.40 49.49 4.11
N LEU E 130 -56.56 48.67 3.07
CA LEU E 130 -57.21 49.12 1.85
C LEU E 130 -58.69 49.38 2.07
N GLU E 131 -59.38 48.50 2.80
CA GLU E 131 -60.81 48.71 3.06
C GLU E 131 -61.02 49.83 4.07
N GLN E 132 -60.05 50.03 4.97
CA GLN E 132 -60.07 51.19 5.85
C GLN E 132 -59.88 52.48 5.04
N LEU E 133 -58.98 52.45 4.06
CA LEU E 133 -58.81 53.60 3.19
C LEU E 133 -59.95 53.72 2.19
N ALA E 134 -60.61 52.61 1.87
CA ALA E 134 -61.81 52.68 1.03
C ALA E 134 -62.97 53.31 1.80
N SER E 135 -63.10 52.98 3.09
CA SER E 135 -64.19 53.52 3.89
C SER E 135 -63.96 54.98 4.23
N PHE E 136 -62.70 55.39 4.40
CA PHE E 136 -62.42 56.79 4.69
C PHE E 136 -62.60 57.67 3.45
N ASN E 137 -62.29 57.14 2.27
CA ASN E 137 -62.36 57.95 1.05
C ASN E 137 -63.80 58.03 0.53
N GLU E 138 -64.62 57.02 0.83
CA GLU E 138 -65.99 57.04 0.32
C GLU E 138 -66.87 58.00 1.12
N THR E 139 -66.57 58.17 2.42
CA THR E 139 -67.37 59.09 3.23
C THR E 139 -66.88 60.52 3.10
N LEU E 140 -65.70 60.72 2.51
CA LEU E 140 -65.21 62.08 2.29
C LEU E 140 -65.93 62.75 1.13
N ARG E 141 -66.42 61.95 0.17
CA ARG E 141 -67.08 62.52 -1.00
C ARG E 141 -68.51 62.96 -0.68
N GLN E 142 -69.17 62.27 0.24
CA GLN E 142 -70.48 62.73 0.70
C GLN E 142 -70.33 63.95 1.62
N LEU E 143 -69.24 64.00 2.37
CA LEU E 143 -68.96 65.10 3.27
C LEU E 143 -68.51 66.37 2.54
N ALA E 144 -68.03 66.24 1.29
CA ALA E 144 -67.58 67.40 0.54
C ALA E 144 -68.72 68.15 -0.14
N ASN E 145 -69.95 67.64 -0.07
CA ASN E 145 -71.09 68.32 -0.67
C ASN E 145 -71.46 69.56 0.14
N VAL E 146 -71.63 70.68 -0.57
CA VAL E 146 -71.96 71.94 0.06
C VAL E 146 -73.44 72.23 -0.08
#